data_2PO4
#
_entry.id   2PO4
#
_cell.length_a   83.047
_cell.length_b   103.258
_cell.length_c   159.430
_cell.angle_alpha   90.000
_cell.angle_beta   90.000
_cell.angle_gamma   90.000
#
_symmetry.space_group_name_H-M   'P 21 21 21'
#
loop_
_entity.id
_entity.type
_entity.pdbx_description
1 polymer 'Virion RNA polymerase'
2 water water
#
_entity_poly.entity_id   1
_entity_poly.type   'polypeptide(L)'
_entity_poly.pdbx_seq_one_letter_code
;ESTVTEELKEGIDAVYPSLVGTADSKAEGIKNYFKLSFTLPEEQKSRTVGSEAPLKDVAQALSSRARYELFTEKETANPA
FNGEVIKRYKELMEHGEGIADILRSRLAKFLNTKDVGKRFAQGTEANRWVGGKLLNIVEQDGDTFKYNEQLLQTAVLAGL
QWRLTATSNTAIKDAKDVAAITGIDQALLPEGLVEQFDTGMTLTEAVSSLAQKIESYWGLSRNPNAPLGYTKGIPTAMAA
EILAAFVESTDVVENIVDMSEIDPDNKKTIGLYTITELDSFDPINSFPTAIEEAVLVNPTEKMFFGDDIPPVANTQLRNP
AVRNTPEQKAALKAEQATEFYVHTPMVQFYETLGKDRILELMGAGTLNKELLNDNHAKSLEGKNRSVEDSYNQLFSVIEQ
VRAQSEDISTVPIHYAYNMTRVGRMQMLGKYNPQSAKLVREAILPTKATLDLSNQNNEDFSAFQLGLAQALDIKVHTMTR
EVMSDELTKLLEGNLKPAIDMMVEFNTTGSLPENAVDVLNTALGDRKSFVALMALMEYSRYLVAEDKSAFVTPLYVEADG
VTNGPINAMMLMTGGLFTPDWIRNIAKGGLFIGSPNKTMNEHRSTADNNDLYQASTNALMESLGKLRSNYASNMPIQSQI
DSLLSLMDLFLPDINLGENGALELKRGIAKNPLTITIYGSGARGIAGKLVSSVTDAIYERMSDVLKARAKDPNISAAMAM
FGKQAASEAHAEELLARFLKDMETLTSTVPVKRKGVLELQSTGTGAKGKINPKTYTIKGEQLKALQENMLHFFVEPLRNG
ITQTVGESLVYSTEQLQKATQIQSVVLEDMFKQRVQEKLAEKAKDPTWKKGDFLTQKELNDIQASLNNLAPMIETGSQTF
YIAGSENAEVANQVLATNLDDRMRVPMSIYAPAQAGVAGIPFMTIGTGDGMMMQTLSTMKGAPKNTLKIFDGMNIGLNDI
TDASRKANEAVYTSWQGNPIKNVYESYAKFMKNVDFSKLSPEALEAIGKSALEYDQRENATVDDIANAASLIERNLRNIA
LGVDIRHKVLDKVNLSIDQMAAVGAPYQNNGKIDLSNMTPEQQADELNKLFREELEARKQKVAK
;
_entity_poly.pdbx_strand_id   A
#
# COMPACT_ATOMS: atom_id res chain seq x y z
N GLY A 11 4.61 -23.66 38.92
CA GLY A 11 4.05 -22.35 38.46
C GLY A 11 3.18 -22.49 37.23
N ILE A 12 3.79 -22.85 36.11
CA ILE A 12 3.07 -23.03 34.85
C ILE A 12 2.38 -24.39 34.88
N ASP A 13 3.07 -25.38 35.42
CA ASP A 13 2.51 -26.72 35.51
C ASP A 13 1.35 -26.67 36.51
N ALA A 14 1.42 -25.72 37.44
CA ALA A 14 0.39 -25.55 38.44
C ALA A 14 -0.94 -25.19 37.81
N VAL A 15 -0.90 -24.25 36.86
CA VAL A 15 -2.10 -23.80 36.18
C VAL A 15 -2.70 -24.86 35.25
N TYR A 16 -1.85 -25.62 34.58
CA TYR A 16 -2.33 -26.67 33.68
C TYR A 16 -1.73 -28.02 34.08
N PRO A 17 -2.05 -28.48 35.29
CA PRO A 17 -1.55 -29.74 35.83
C PRO A 17 -1.96 -30.99 35.06
N SER A 18 -3.15 -30.96 34.47
CA SER A 18 -3.68 -32.11 33.73
C SER A 18 -3.33 -32.20 32.25
N LEU A 19 -2.47 -31.30 31.76
CA LEU A 19 -2.08 -31.36 30.35
C LEU A 19 -1.22 -32.60 30.11
N VAL A 20 -1.55 -33.33 29.06
CA VAL A 20 -0.81 -34.54 28.70
C VAL A 20 0.70 -34.33 28.62
N GLY A 21 1.47 -35.38 28.90
CA GLY A 21 2.91 -35.29 28.82
C GLY A 21 3.63 -34.69 30.01
N THR A 22 4.96 -34.77 29.99
CA THR A 22 5.79 -34.24 31.08
C THR A 22 6.47 -32.94 30.71
N ALA A 23 6.52 -32.00 31.65
CA ALA A 23 7.13 -30.70 31.43
C ALA A 23 8.65 -30.75 31.54
N ASP A 24 9.26 -31.66 30.79
CA ASP A 24 10.72 -31.81 30.80
C ASP A 24 11.22 -32.14 29.39
N SER A 25 12.04 -31.25 28.83
CA SER A 25 12.57 -31.43 27.48
C SER A 25 13.38 -32.71 27.33
N LYS A 26 14.18 -33.03 28.34
CA LYS A 26 15.00 -34.25 28.30
C LYS A 26 14.44 -35.31 29.24
N ALA A 27 13.32 -35.89 28.84
CA ALA A 27 12.67 -36.92 29.61
C ALA A 27 12.08 -37.91 28.61
N GLU A 28 12.05 -39.18 28.98
CA GLU A 28 11.51 -40.20 28.09
C GLU A 28 9.99 -40.06 28.06
N GLY A 29 9.37 -40.46 26.96
CA GLY A 29 7.93 -40.37 26.84
C GLY A 29 7.42 -39.04 26.31
N ILE A 30 6.11 -38.97 26.06
CA ILE A 30 5.49 -37.76 25.55
C ILE A 30 5.84 -36.55 26.41
N LYS A 31 6.25 -35.47 25.77
CA LYS A 31 6.60 -34.25 26.47
C LYS A 31 5.62 -33.15 26.10
N ASN A 32 5.28 -32.30 27.06
CA ASN A 32 4.35 -31.22 26.79
C ASN A 32 5.07 -29.94 26.42
N TYR A 33 5.04 -29.60 25.14
CA TYR A 33 5.73 -28.41 24.66
C TYR A 33 5.02 -27.08 24.87
N PHE A 34 3.79 -27.12 25.37
CA PHE A 34 3.07 -25.89 25.66
C PHE A 34 3.70 -25.36 26.95
N LYS A 35 3.76 -26.22 27.96
CA LYS A 35 4.34 -25.84 29.25
C LYS A 35 5.84 -25.59 29.15
N LEU A 36 6.48 -26.14 28.12
CA LEU A 36 7.92 -25.94 27.93
C LEU A 36 8.22 -24.66 27.17
N SER A 37 7.26 -24.20 26.36
CA SER A 37 7.43 -23.01 25.55
C SER A 37 6.89 -21.69 26.13
N PHE A 38 6.01 -21.78 27.12
CA PHE A 38 5.45 -20.57 27.70
C PHE A 38 5.53 -20.53 29.21
N THR A 39 5.52 -19.32 29.77
CA THR A 39 5.59 -19.13 31.22
C THR A 39 4.57 -18.08 31.65
N LEU A 40 4.22 -18.08 32.93
CA LEU A 40 3.28 -17.09 33.45
C LEU A 40 4.03 -15.76 33.50
N PRO A 41 3.34 -14.66 33.16
CA PRO A 41 4.01 -13.36 33.19
C PRO A 41 4.18 -12.85 34.62
N GLU A 42 5.04 -11.84 34.79
CA GLU A 42 5.27 -11.28 36.11
C GLU A 42 3.96 -10.63 36.54
N GLU A 43 3.41 -9.80 35.65
CA GLU A 43 2.14 -9.13 35.91
C GLU A 43 1.05 -9.73 35.04
N GLN A 44 -0.14 -9.88 35.61
CA GLN A 44 -1.27 -10.45 34.88
C GLN A 44 -1.50 -9.72 33.56
N LYS A 45 -1.72 -10.48 32.49
CA LYS A 45 -2.00 -9.89 31.19
C LYS A 45 -3.44 -10.14 30.78
N SER A 46 -3.89 -11.38 30.97
CA SER A 46 -5.26 -11.76 30.61
C SER A 46 -6.08 -12.14 31.83
N ARG A 47 -7.32 -11.67 31.88
CA ARG A 47 -8.21 -11.96 32.99
C ARG A 47 -8.82 -13.36 32.90
N THR A 48 -8.44 -14.12 31.89
CA THR A 48 -8.97 -15.47 31.72
C THR A 48 -7.98 -16.55 32.14
N VAL A 49 -6.79 -16.15 32.55
CA VAL A 49 -5.76 -17.11 32.93
C VAL A 49 -6.21 -18.17 33.93
N GLY A 50 -6.52 -17.75 35.15
CA GLY A 50 -6.94 -18.73 36.15
C GLY A 50 -8.38 -19.18 36.07
N SER A 51 -9.06 -18.91 34.95
CA SER A 51 -10.47 -19.29 34.81
C SER A 51 -10.68 -20.76 34.40
N GLU A 52 -11.77 -21.34 34.90
CA GLU A 52 -12.12 -22.73 34.60
C GLU A 52 -12.95 -22.83 33.33
N ALA A 53 -13.73 -21.79 33.05
CA ALA A 53 -14.57 -21.75 31.87
C ALA A 53 -14.62 -20.30 31.39
N PRO A 54 -13.58 -19.85 30.69
CA PRO A 54 -13.55 -18.46 30.20
C PRO A 54 -14.73 -18.01 29.33
N LEU A 55 -15.22 -18.88 28.48
CA LEU A 55 -16.35 -18.52 27.63
C LEU A 55 -17.55 -18.17 28.52
N LYS A 56 -17.71 -18.93 29.60
CA LYS A 56 -18.79 -18.71 30.55
C LYS A 56 -18.55 -17.43 31.37
N ASP A 57 -17.35 -17.28 31.93
CA ASP A 57 -17.03 -16.09 32.72
C ASP A 57 -17.17 -14.79 31.94
N VAL A 58 -16.64 -14.77 30.72
CA VAL A 58 -16.72 -13.56 29.91
C VAL A 58 -18.14 -13.27 29.43
N ALA A 59 -18.91 -14.30 29.13
CA ALA A 59 -20.29 -14.08 28.69
C ALA A 59 -21.03 -13.45 29.87
N GLN A 60 -20.76 -13.94 31.07
CA GLN A 60 -21.38 -13.40 32.27
C GLN A 60 -20.97 -11.95 32.45
N ALA A 61 -19.68 -11.67 32.30
CA ALA A 61 -19.19 -10.30 32.42
C ALA A 61 -19.89 -9.40 31.40
N LEU A 62 -20.12 -9.93 30.19
CA LEU A 62 -20.79 -9.16 29.14
C LEU A 62 -22.32 -9.11 29.27
N SER A 63 -22.88 -9.93 30.16
CA SER A 63 -24.34 -9.97 30.32
C SER A 63 -25.01 -8.72 30.90
N SER A 64 -24.24 -7.84 31.55
CA SER A 64 -24.82 -6.60 32.10
C SER A 64 -23.73 -5.58 32.39
N ARG A 65 -24.12 -4.30 32.41
CA ARG A 65 -23.15 -3.25 32.69
C ARG A 65 -22.53 -3.49 34.04
N ALA A 66 -23.36 -3.84 35.03
CA ALA A 66 -22.89 -4.08 36.39
C ALA A 66 -21.83 -5.17 36.45
N ARG A 67 -22.06 -6.29 35.78
CA ARG A 67 -21.05 -7.35 35.82
C ARG A 67 -19.82 -7.04 34.97
N TYR A 68 -20.01 -6.23 33.93
CA TYR A 68 -18.87 -5.86 33.08
C TYR A 68 -17.95 -5.00 33.93
N GLU A 69 -18.54 -4.08 34.68
CA GLU A 69 -17.79 -3.20 35.55
C GLU A 69 -17.01 -3.99 36.59
N LEU A 70 -17.66 -4.97 37.22
CA LEU A 70 -16.99 -5.78 38.23
C LEU A 70 -15.83 -6.56 37.63
N PHE A 71 -16.07 -7.18 36.49
CA PHE A 71 -15.06 -7.99 35.82
C PHE A 71 -13.83 -7.18 35.38
N THR A 72 -14.06 -5.96 34.93
CA THR A 72 -12.98 -5.10 34.44
C THR A 72 -12.50 -4.09 35.47
N GLU A 73 -13.04 -4.17 36.68
CA GLU A 73 -12.68 -3.25 37.74
C GLU A 73 -12.76 -1.79 37.34
N LYS A 74 -13.88 -1.42 36.71
CA LYS A 74 -14.12 -0.04 36.29
C LYS A 74 -15.36 0.46 37.04
N GLU A 75 -15.45 1.76 37.28
CA GLU A 75 -16.60 2.31 37.97
C GLU A 75 -17.79 2.35 37.00
N THR A 76 -17.54 2.79 35.76
CA THR A 76 -18.58 2.85 34.75
C THR A 76 -18.05 2.28 33.45
N ALA A 77 -18.92 1.58 32.72
CA ALA A 77 -18.52 0.98 31.45
C ALA A 77 -18.75 1.96 30.29
N ASN A 78 -18.14 1.68 29.14
CA ASN A 78 -18.27 2.52 27.94
C ASN A 78 -19.76 2.77 27.75
N PRO A 79 -20.16 4.04 27.57
CA PRO A 79 -21.59 4.35 27.37
C PRO A 79 -22.23 3.62 26.20
N ALA A 80 -21.41 3.18 25.25
CA ALA A 80 -21.93 2.47 24.08
C ALA A 80 -22.44 1.08 24.46
N PHE A 81 -22.00 0.58 25.61
CA PHE A 81 -22.38 -0.74 26.08
C PHE A 81 -23.76 -0.68 26.75
N ASN A 82 -24.82 -0.70 25.94
CA ASN A 82 -26.18 -0.64 26.47
C ASN A 82 -26.97 -1.92 26.24
N GLY A 83 -28.28 -1.85 26.47
CA GLY A 83 -29.12 -3.02 26.28
C GLY A 83 -29.04 -3.69 24.93
N GLU A 84 -29.06 -2.89 23.85
CA GLU A 84 -28.99 -3.43 22.50
C GLU A 84 -27.66 -4.11 22.21
N VAL A 85 -26.56 -3.51 22.67
CA VAL A 85 -25.24 -4.09 22.46
C VAL A 85 -25.10 -5.37 23.29
N ILE A 86 -25.54 -5.31 24.55
CA ILE A 86 -25.49 -6.46 25.44
C ILE A 86 -26.22 -7.67 24.81
N LYS A 87 -27.40 -7.41 24.23
CA LYS A 87 -28.16 -8.49 23.59
C LYS A 87 -27.37 -9.11 22.44
N ARG A 88 -26.69 -8.28 21.65
CA ARG A 88 -25.89 -8.77 20.52
C ARG A 88 -24.73 -9.62 21.04
N TYR A 89 -24.05 -9.19 22.10
CA TYR A 89 -22.96 -9.98 22.64
C TYR A 89 -23.48 -11.30 23.23
N LYS A 90 -24.70 -11.27 23.75
CA LYS A 90 -25.30 -12.48 24.28
C LYS A 90 -25.37 -13.48 23.12
N GLU A 91 -25.82 -13.01 21.95
CA GLU A 91 -25.91 -13.85 20.76
C GLU A 91 -24.54 -14.29 20.22
N LEU A 92 -23.57 -13.39 20.27
CA LEU A 92 -22.23 -13.70 19.80
C LEU A 92 -21.62 -14.80 20.69
N MET A 93 -21.85 -14.70 22.00
CA MET A 93 -21.32 -15.67 22.93
C MET A 93 -21.92 -17.06 22.68
N GLU A 94 -23.24 -17.09 22.46
CA GLU A 94 -23.92 -18.35 22.18
C GLU A 94 -23.32 -18.93 20.89
N HIS A 95 -22.98 -18.06 19.94
CA HIS A 95 -22.38 -18.53 18.69
C HIS A 95 -20.98 -19.09 19.02
N GLY A 96 -20.32 -18.48 19.99
CA GLY A 96 -19.01 -18.94 20.40
C GLY A 96 -19.09 -20.35 20.91
N GLU A 97 -20.19 -20.68 21.59
CA GLU A 97 -20.38 -22.04 22.10
C GLU A 97 -20.47 -23.01 20.93
N GLY A 98 -21.11 -22.54 19.86
CA GLY A 98 -21.25 -23.35 18.66
C GLY A 98 -19.91 -23.57 17.97
N ILE A 99 -19.01 -22.61 18.08
CA ILE A 99 -17.69 -22.73 17.47
C ILE A 99 -16.89 -23.73 18.29
N ALA A 100 -17.01 -23.63 19.61
CA ALA A 100 -16.33 -24.56 20.48
C ALA A 100 -16.80 -25.99 20.16
N ASP A 101 -18.10 -26.16 19.92
CA ASP A 101 -18.63 -27.49 19.60
C ASP A 101 -17.98 -28.06 18.35
N ILE A 102 -17.84 -27.22 17.32
CA ILE A 102 -17.21 -27.67 16.08
C ILE A 102 -15.77 -28.08 16.35
N LEU A 103 -15.06 -27.25 17.12
CA LEU A 103 -13.66 -27.54 17.45
C LEU A 103 -13.52 -28.86 18.20
N ARG A 104 -14.33 -29.05 19.24
CA ARG A 104 -14.25 -30.28 20.01
C ARG A 104 -14.62 -31.49 19.13
N SER A 105 -15.53 -31.26 18.20
CA SER A 105 -15.95 -32.32 17.31
C SER A 105 -14.82 -32.69 16.34
N ARG A 106 -14.09 -31.68 15.88
CA ARG A 106 -12.99 -31.92 14.95
C ARG A 106 -11.83 -32.64 15.64
N LEU A 107 -11.63 -32.37 16.93
CA LEU A 107 -10.55 -33.03 17.66
C LEU A 107 -10.81 -34.53 17.78
N ALA A 108 -12.06 -34.88 18.04
CA ALA A 108 -12.44 -36.30 18.17
C ALA A 108 -12.15 -36.99 16.85
N LYS A 109 -12.70 -36.43 15.77
CA LYS A 109 -12.53 -36.98 14.44
C LYS A 109 -11.04 -37.22 14.18
N PHE A 110 -10.22 -36.23 14.53
CA PHE A 110 -8.77 -36.32 14.36
C PHE A 110 -8.20 -37.55 15.08
N LEU A 111 -8.49 -37.63 16.37
CA LEU A 111 -8.01 -38.74 17.18
C LEU A 111 -8.54 -40.07 16.66
N ASN A 112 -9.74 -40.04 16.10
CA ASN A 112 -10.36 -41.25 15.58
C ASN A 112 -9.98 -41.60 14.15
N THR A 113 -8.98 -40.93 13.59
CA THR A 113 -8.55 -41.22 12.24
C THR A 113 -7.14 -41.77 12.23
N LYS A 114 -6.96 -42.90 11.53
CA LYS A 114 -5.67 -43.55 11.43
C LYS A 114 -5.10 -43.83 12.83
N ASP A 115 -5.97 -44.26 13.72
CA ASP A 115 -5.61 -44.58 15.10
C ASP A 115 -4.75 -43.57 15.84
N VAL A 116 -4.69 -42.33 15.35
CA VAL A 116 -3.92 -41.31 16.03
C VAL A 116 -4.56 -41.24 17.41
N GLY A 117 -3.79 -40.98 18.44
CA GLY A 117 -4.40 -40.93 19.76
C GLY A 117 -4.20 -42.29 20.39
N LYS A 118 -4.61 -43.35 19.68
CA LYS A 118 -4.40 -44.70 20.18
C LYS A 118 -2.88 -44.79 20.27
N ARG A 119 -2.26 -44.47 19.15
CA ARG A 119 -0.81 -44.47 19.02
C ARG A 119 -0.22 -43.43 19.96
N PHE A 120 -0.94 -42.33 20.14
CA PHE A 120 -0.50 -41.25 21.03
C PHE A 120 -0.53 -41.72 22.48
N ALA A 121 -1.64 -42.35 22.87
CA ALA A 121 -1.81 -42.87 24.22
C ALA A 121 -0.78 -43.95 24.49
N GLN A 122 -0.32 -44.60 23.41
CA GLN A 122 0.68 -45.67 23.51
C GLN A 122 2.08 -45.12 23.71
N GLY A 123 2.33 -43.93 23.18
CA GLY A 123 3.65 -43.33 23.33
C GLY A 123 4.14 -42.55 22.13
N THR A 124 3.50 -42.75 20.97
CA THR A 124 3.90 -42.04 19.76
C THR A 124 3.81 -40.53 20.01
N GLU A 125 4.88 -39.81 19.73
CA GLU A 125 4.94 -38.36 19.92
C GLU A 125 4.25 -37.59 18.81
N ALA A 126 2.95 -37.82 18.65
CA ALA A 126 2.17 -37.14 17.62
C ALA A 126 1.99 -35.67 17.97
N ASN A 127 2.28 -35.32 19.22
CA ASN A 127 2.15 -33.94 19.65
C ASN A 127 3.29 -33.11 19.07
N ARG A 128 4.21 -33.78 18.39
CA ARG A 128 5.34 -33.11 17.78
C ARG A 128 5.22 -33.11 16.26
N TRP A 129 4.07 -33.56 15.75
CA TRP A 129 3.82 -33.57 14.32
C TRP A 129 3.34 -32.19 13.92
N VAL A 130 3.59 -31.81 12.67
CA VAL A 130 3.18 -30.51 12.17
C VAL A 130 1.68 -30.38 12.24
N GLY A 131 0.99 -31.51 12.15
CA GLY A 131 -0.47 -31.49 12.18
C GLY A 131 -1.06 -31.91 13.51
N GLY A 132 -0.21 -32.10 14.52
CA GLY A 132 -0.70 -32.52 15.82
C GLY A 132 -0.18 -31.71 17.00
N LYS A 133 0.30 -30.50 16.74
CA LYS A 133 0.81 -29.67 17.81
C LYS A 133 -0.26 -29.29 18.81
N LEU A 134 -1.53 -29.43 18.42
CA LEU A 134 -2.61 -29.11 19.33
C LEU A 134 -2.73 -30.14 20.46
N LEU A 135 -2.18 -31.33 20.25
CA LEU A 135 -2.23 -32.37 21.28
C LEU A 135 -1.48 -31.92 22.54
N ASN A 136 -0.70 -30.85 22.42
CA ASN A 136 0.03 -30.30 23.55
C ASN A 136 -0.89 -29.55 24.51
N ILE A 137 -2.15 -29.35 24.13
CA ILE A 137 -3.08 -28.67 25.02
C ILE A 137 -4.32 -29.50 25.32
N VAL A 138 -4.21 -30.82 25.15
CA VAL A 138 -5.33 -31.69 25.46
C VAL A 138 -5.02 -32.39 26.78
N GLU A 139 -6.02 -33.05 27.34
CA GLU A 139 -5.85 -33.76 28.60
C GLU A 139 -6.47 -35.12 28.42
N GLN A 140 -6.04 -36.08 29.23
CA GLN A 140 -6.59 -37.41 29.10
C GLN A 140 -8.01 -37.42 29.64
N ASP A 141 -8.89 -38.11 28.93
CA ASP A 141 -10.28 -38.26 29.32
C ASP A 141 -10.67 -39.70 28.99
N GLY A 142 -10.53 -40.57 29.98
CA GLY A 142 -10.86 -41.97 29.76
C GLY A 142 -9.86 -42.62 28.82
N ASP A 143 -10.35 -43.13 27.69
CA ASP A 143 -9.51 -43.81 26.72
C ASP A 143 -8.94 -42.87 25.66
N THR A 144 -9.47 -41.65 25.59
CA THR A 144 -8.98 -40.68 24.62
C THR A 144 -8.60 -39.37 25.29
N PHE A 145 -8.65 -38.27 24.53
CA PHE A 145 -8.28 -36.97 25.07
C PHE A 145 -9.26 -35.88 24.69
N LYS A 146 -9.16 -34.76 25.38
CA LYS A 146 -10.04 -33.62 25.14
C LYS A 146 -9.26 -32.33 25.32
N TYR A 147 -9.72 -31.27 24.66
CA TYR A 147 -9.08 -29.98 24.79
C TYR A 147 -9.14 -29.53 26.25
N ASN A 148 -8.13 -28.80 26.68
CA ASN A 148 -8.15 -28.23 28.02
C ASN A 148 -9.11 -27.05 27.81
N GLU A 149 -10.29 -27.13 28.43
CA GLU A 149 -11.32 -26.11 28.28
C GLU A 149 -10.90 -24.66 28.49
N GLN A 150 -9.97 -24.42 29.40
CA GLN A 150 -9.54 -23.05 29.64
C GLN A 150 -8.86 -22.49 28.39
N LEU A 151 -7.96 -23.27 27.80
CA LEU A 151 -7.26 -22.85 26.60
C LEU A 151 -8.16 -22.83 25.37
N LEU A 152 -9.03 -23.83 25.23
CA LEU A 152 -9.92 -23.86 24.09
C LEU A 152 -10.85 -22.66 24.11
N GLN A 153 -11.46 -22.40 25.25
CA GLN A 153 -12.42 -21.29 25.37
C GLN A 153 -11.79 -19.92 25.19
N THR A 154 -10.65 -19.67 25.82
CA THR A 154 -9.97 -18.39 25.68
C THR A 154 -9.65 -18.15 24.19
N ALA A 155 -9.25 -19.22 23.50
CA ALA A 155 -8.94 -19.14 22.08
C ALA A 155 -10.18 -18.81 21.27
N VAL A 156 -11.34 -19.35 21.67
CA VAL A 156 -12.57 -19.05 20.95
C VAL A 156 -12.92 -17.58 21.11
N LEU A 157 -12.74 -17.08 22.34
CA LEU A 157 -12.98 -15.67 22.64
C LEU A 157 -12.12 -14.79 21.74
N ALA A 158 -10.86 -15.18 21.56
CA ALA A 158 -9.94 -14.43 20.71
C ALA A 158 -10.49 -14.49 19.30
N GLY A 159 -10.93 -15.69 18.90
CA GLY A 159 -11.49 -15.87 17.57
C GLY A 159 -12.73 -15.00 17.35
N LEU A 160 -13.53 -14.80 18.39
CA LEU A 160 -14.73 -13.99 18.27
C LEU A 160 -14.36 -12.53 18.06
N GLN A 161 -13.37 -12.04 18.79
CA GLN A 161 -12.95 -10.65 18.65
C GLN A 161 -12.37 -10.42 17.25
N TRP A 162 -11.61 -11.41 16.78
CA TRP A 162 -10.99 -11.37 15.46
C TRP A 162 -12.11 -11.27 14.40
N ARG A 163 -13.16 -12.06 14.56
CA ARG A 163 -14.27 -12.04 13.60
C ARG A 163 -14.97 -10.68 13.58
N LEU A 164 -14.99 -10.00 14.72
CA LEU A 164 -15.63 -8.69 14.79
C LEU A 164 -14.85 -7.52 14.21
N THR A 165 -13.54 -7.53 14.39
CA THR A 165 -12.71 -6.41 13.96
C THR A 165 -11.52 -6.67 13.04
N ALA A 166 -11.26 -7.92 12.69
CA ALA A 166 -10.13 -8.24 11.84
C ALA A 166 -10.21 -7.51 10.50
N THR A 167 -11.41 -7.42 9.93
CA THR A 167 -11.58 -6.74 8.65
C THR A 167 -10.95 -5.35 8.63
N SER A 168 -11.22 -4.56 9.67
CA SER A 168 -10.70 -3.20 9.75
C SER A 168 -9.35 -3.11 10.43
N ASN A 169 -9.04 -4.07 11.29
CA ASN A 169 -7.79 -4.04 12.03
C ASN A 169 -6.60 -4.50 11.20
N THR A 170 -6.86 -5.31 10.18
CA THR A 170 -5.79 -5.84 9.33
C THR A 170 -5.03 -4.72 8.61
N ALA A 171 -3.70 -4.82 8.65
CA ALA A 171 -2.85 -3.82 8.02
C ALA A 171 -2.89 -3.94 6.51
N ILE A 172 -2.60 -2.84 5.83
CA ILE A 172 -2.58 -2.83 4.37
C ILE A 172 -1.32 -3.58 3.94
N LYS A 173 -1.44 -4.46 2.96
CA LYS A 173 -0.29 -5.21 2.48
C LYS A 173 0.64 -4.27 1.72
N ASP A 174 1.91 -4.24 2.14
CA ASP A 174 2.88 -3.37 1.49
C ASP A 174 3.50 -4.02 0.26
N ALA A 175 4.37 -3.28 -0.42
CA ALA A 175 5.05 -3.73 -1.64
C ALA A 175 5.67 -5.13 -1.60
N LYS A 176 6.36 -5.45 -0.51
CA LYS A 176 6.98 -6.77 -0.40
C LYS A 176 5.99 -7.91 -0.24
N ASP A 177 4.96 -7.70 0.59
CA ASP A 177 3.98 -8.76 0.80
C ASP A 177 3.34 -9.20 -0.50
N VAL A 178 2.85 -8.23 -1.26
CA VAL A 178 2.19 -8.50 -2.54
C VAL A 178 3.16 -9.15 -3.51
N ALA A 179 4.36 -8.61 -3.59
CA ALA A 179 5.36 -9.15 -4.50
C ALA A 179 5.61 -10.60 -4.10
N ALA A 180 5.76 -10.83 -2.80
CA ALA A 180 6.01 -12.18 -2.28
C ALA A 180 4.85 -13.13 -2.54
N ILE A 181 3.62 -12.61 -2.53
CA ILE A 181 2.44 -13.45 -2.76
C ILE A 181 2.35 -13.96 -4.20
N THR A 182 2.54 -13.05 -5.15
CA THR A 182 2.43 -13.36 -6.58
C THR A 182 3.74 -13.47 -7.32
N GLY A 183 4.78 -12.81 -6.82
CA GLY A 183 6.06 -12.83 -7.48
C GLY A 183 6.13 -11.67 -8.47
N ILE A 184 5.10 -10.82 -8.45
CA ILE A 184 5.02 -9.66 -9.34
C ILE A 184 4.96 -8.36 -8.54
N ASP A 185 5.74 -7.37 -8.95
CA ASP A 185 5.73 -6.09 -8.26
C ASP A 185 4.30 -5.55 -8.19
N GLN A 186 3.93 -5.02 -7.04
CA GLN A 186 2.60 -4.48 -6.83
C GLN A 186 2.16 -3.51 -7.93
N ALA A 187 3.05 -2.62 -8.33
CA ALA A 187 2.73 -1.64 -9.36
C ALA A 187 2.47 -2.24 -10.74
N LEU A 188 2.82 -3.51 -10.93
CA LEU A 188 2.64 -4.15 -12.22
C LEU A 188 1.49 -5.15 -12.25
N LEU A 189 0.73 -5.23 -11.16
CA LEU A 189 -0.41 -6.13 -11.08
C LEU A 189 -1.66 -5.46 -11.62
N PRO A 190 -2.58 -6.23 -12.23
CA PRO A 190 -3.79 -5.63 -12.75
C PRO A 190 -4.58 -5.02 -11.60
N GLU A 191 -5.24 -3.89 -11.88
CA GLU A 191 -6.02 -3.17 -10.88
C GLU A 191 -6.96 -3.99 -10.00
N GLY A 192 -7.82 -4.78 -10.62
CA GLY A 192 -8.77 -5.59 -9.87
C GLY A 192 -8.13 -6.51 -8.86
N LEU A 193 -6.97 -7.05 -9.21
CA LEU A 193 -6.26 -7.96 -8.34
C LEU A 193 -5.68 -7.22 -7.13
N VAL A 194 -5.20 -6.01 -7.35
CA VAL A 194 -4.63 -5.22 -6.27
C VAL A 194 -5.70 -4.98 -5.21
N GLU A 195 -6.89 -4.56 -5.65
CA GLU A 195 -7.99 -4.30 -4.72
C GLU A 195 -8.43 -5.59 -4.05
N GLN A 196 -8.25 -6.71 -4.75
CA GLN A 196 -8.59 -8.03 -4.23
C GLN A 196 -7.70 -8.37 -3.03
N PHE A 197 -6.39 -8.18 -3.21
CA PHE A 197 -5.43 -8.47 -2.16
C PHE A 197 -5.60 -7.55 -0.97
N ASP A 198 -5.78 -6.25 -1.23
CA ASP A 198 -5.93 -5.28 -0.16
C ASP A 198 -7.29 -5.40 0.51
N THR A 199 -8.12 -6.30 0.01
CA THR A 199 -9.45 -6.48 0.54
C THR A 199 -9.67 -7.82 1.26
N GLY A 200 -8.88 -8.83 0.90
CA GLY A 200 -9.00 -10.13 1.54
C GLY A 200 -7.74 -10.56 2.25
N MET A 201 -7.79 -11.65 3.00
CA MET A 201 -6.61 -12.12 3.71
C MET A 201 -6.05 -13.43 3.14
N THR A 202 -4.73 -13.52 3.06
CA THR A 202 -4.12 -14.75 2.57
C THR A 202 -4.20 -15.73 3.73
N LEU A 203 -4.00 -17.02 3.47
CA LEU A 203 -4.04 -18.03 4.53
C LEU A 203 -3.08 -17.61 5.65
N THR A 204 -1.85 -17.27 5.27
CA THR A 204 -0.86 -16.86 6.26
C THR A 204 -1.32 -15.63 7.03
N GLU A 205 -1.96 -14.71 6.32
CA GLU A 205 -2.44 -13.48 6.93
C GLU A 205 -3.50 -13.74 7.99
N ALA A 206 -4.53 -14.49 7.60
CA ALA A 206 -5.64 -14.81 8.48
C ALA A 206 -5.17 -15.60 9.70
N VAL A 207 -4.44 -16.68 9.44
CA VAL A 207 -3.95 -17.54 10.50
C VAL A 207 -3.01 -16.79 11.44
N SER A 208 -2.17 -15.96 10.87
CA SER A 208 -1.21 -15.19 11.66
C SER A 208 -1.87 -14.18 12.60
N SER A 209 -2.84 -13.44 12.08
CA SER A 209 -3.51 -12.44 12.89
C SER A 209 -4.37 -13.11 13.96
N LEU A 210 -4.93 -14.27 13.64
CA LEU A 210 -5.78 -14.99 14.57
C LEU A 210 -4.88 -15.55 15.69
N ALA A 211 -3.71 -16.04 15.29
CA ALA A 211 -2.76 -16.60 16.24
C ALA A 211 -2.28 -15.54 17.22
N GLN A 212 -2.12 -14.32 16.74
CA GLN A 212 -1.66 -13.24 17.60
C GLN A 212 -2.70 -12.92 18.68
N LYS A 213 -3.97 -12.95 18.30
CA LYS A 213 -5.04 -12.69 19.26
C LYS A 213 -5.12 -13.83 20.27
N ILE A 214 -5.10 -15.06 19.78
CA ILE A 214 -5.16 -16.21 20.66
C ILE A 214 -4.02 -16.19 21.67
N GLU A 215 -2.80 -15.93 21.20
CA GLU A 215 -1.65 -15.89 22.09
C GLU A 215 -1.80 -14.75 23.09
N SER A 216 -2.29 -13.61 22.61
CA SER A 216 -2.49 -12.46 23.48
C SER A 216 -3.49 -12.79 24.60
N TYR A 217 -4.61 -13.42 24.23
CA TYR A 217 -5.63 -13.76 25.21
C TYR A 217 -5.15 -14.86 26.18
N TRP A 218 -4.40 -15.83 25.68
CA TRP A 218 -3.89 -16.85 26.59
C TRP A 218 -3.08 -16.15 27.68
N GLY A 219 -2.60 -14.96 27.36
CA GLY A 219 -1.86 -14.14 28.31
C GLY A 219 -0.57 -14.64 28.92
N LEU A 220 0.15 -15.50 28.21
CA LEU A 220 1.41 -16.03 28.72
C LEU A 220 2.60 -15.36 28.02
N SER A 221 3.81 -15.70 28.43
CA SER A 221 5.03 -15.15 27.83
C SER A 221 5.85 -16.27 27.19
N ARG A 222 6.44 -15.97 26.03
CA ARG A 222 7.24 -16.95 25.32
C ARG A 222 8.57 -17.22 25.99
N ASN A 223 8.95 -18.50 26.04
CA ASN A 223 10.23 -18.88 26.62
C ASN A 223 11.24 -18.58 25.51
N PRO A 224 12.15 -17.63 25.74
CA PRO A 224 13.14 -17.27 24.72
C PRO A 224 14.08 -18.38 24.28
N ASN A 225 14.09 -19.49 25.01
CA ASN A 225 14.95 -20.60 24.64
C ASN A 225 14.14 -21.81 24.19
N ALA A 226 12.89 -21.58 23.83
CA ALA A 226 12.04 -22.65 23.34
C ALA A 226 12.02 -22.54 21.81
N PRO A 227 11.92 -23.68 21.10
CA PRO A 227 11.90 -23.64 19.64
C PRO A 227 10.65 -22.92 19.13
N LEU A 228 10.82 -22.15 18.06
CA LEU A 228 9.71 -21.42 17.46
C LEU A 228 8.65 -22.39 16.96
N GLY A 229 9.09 -23.61 16.67
CA GLY A 229 8.18 -24.63 16.17
C GLY A 229 7.00 -24.80 17.11
N TYR A 230 7.20 -24.46 18.39
CA TYR A 230 6.13 -24.57 19.38
C TYR A 230 5.64 -23.20 19.87
N THR A 231 6.55 -22.26 20.10
CA THR A 231 6.13 -20.94 20.57
C THR A 231 5.19 -20.31 19.55
N LYS A 232 5.53 -20.46 18.26
CA LYS A 232 4.70 -19.95 17.18
C LYS A 232 3.75 -21.03 16.69
N GLY A 233 4.26 -22.25 16.60
CA GLY A 233 3.48 -23.37 16.12
C GLY A 233 2.17 -23.68 16.85
N ILE A 234 2.19 -23.65 18.17
CA ILE A 234 0.98 -23.97 18.94
C ILE A 234 -0.13 -22.95 18.72
N PRO A 235 0.17 -21.64 18.87
CA PRO A 235 -0.89 -20.64 18.65
C PRO A 235 -1.36 -20.75 17.21
N THR A 236 -0.43 -21.01 16.30
CA THR A 236 -0.75 -21.13 14.88
C THR A 236 -1.67 -22.32 14.57
N ALA A 237 -1.45 -23.46 15.19
CA ALA A 237 -2.30 -24.64 14.96
C ALA A 237 -3.71 -24.36 15.46
N MET A 238 -3.82 -23.68 16.60
CA MET A 238 -5.13 -23.34 17.18
C MET A 238 -5.88 -22.41 16.22
N ALA A 239 -5.17 -21.41 15.70
CA ALA A 239 -5.76 -20.45 14.77
C ALA A 239 -6.24 -21.15 13.49
N ALA A 240 -5.50 -22.13 13.03
CA ALA A 240 -5.87 -22.88 11.83
C ALA A 240 -7.18 -23.64 12.05
N GLU A 241 -7.34 -24.22 13.24
CA GLU A 241 -8.55 -24.95 13.57
C GLU A 241 -9.73 -23.99 13.64
N ILE A 242 -9.51 -22.85 14.30
CA ILE A 242 -10.55 -21.86 14.43
C ILE A 242 -10.92 -21.33 13.04
N LEU A 243 -9.93 -21.07 12.20
CA LEU A 243 -10.23 -20.58 10.85
C LEU A 243 -11.11 -21.59 10.12
N ALA A 244 -10.78 -22.87 10.26
CA ALA A 244 -11.55 -23.93 9.60
C ALA A 244 -12.94 -23.94 10.21
N ALA A 245 -13.02 -23.70 11.52
CA ALA A 245 -14.31 -23.68 12.20
C ALA A 245 -15.16 -22.56 11.62
N PHE A 246 -14.56 -21.39 11.44
CA PHE A 246 -15.27 -20.24 10.87
C PHE A 246 -15.65 -20.48 9.41
N VAL A 247 -14.81 -21.22 8.69
CA VAL A 247 -15.12 -21.51 7.30
C VAL A 247 -16.35 -22.40 7.26
N GLU A 248 -16.41 -23.35 8.19
CA GLU A 248 -17.55 -24.27 8.26
C GLU A 248 -18.83 -23.52 8.63
N SER A 249 -18.74 -22.64 9.64
CA SER A 249 -19.90 -21.89 10.09
C SER A 249 -20.33 -20.82 9.12
N THR A 250 -19.49 -20.59 8.12
CA THR A 250 -19.70 -19.59 7.08
C THR A 250 -19.40 -18.16 7.58
N ASP A 251 -18.68 -18.05 8.71
CA ASP A 251 -18.31 -16.74 9.24
C ASP A 251 -17.19 -16.19 8.36
N VAL A 252 -16.48 -17.13 7.72
CA VAL A 252 -15.39 -16.79 6.83
C VAL A 252 -15.55 -17.52 5.51
N VAL A 253 -15.34 -16.79 4.41
CA VAL A 253 -15.46 -17.35 3.07
C VAL A 253 -14.17 -17.20 2.29
N GLU A 254 -13.79 -18.24 1.59
CA GLU A 254 -12.56 -18.18 0.80
C GLU A 254 -12.88 -18.04 -0.69
N ASN A 255 -12.22 -17.10 -1.34
CA ASN A 255 -12.41 -16.89 -2.78
C ASN A 255 -11.01 -17.05 -3.38
N ILE A 256 -10.93 -17.58 -4.60
CA ILE A 256 -9.61 -17.78 -5.20
C ILE A 256 -9.35 -16.92 -6.42
N VAL A 257 -8.16 -16.34 -6.48
CA VAL A 257 -7.78 -15.48 -7.59
C VAL A 257 -6.60 -16.07 -8.35
N ASP A 258 -6.42 -15.62 -9.59
CA ASP A 258 -5.34 -16.10 -10.44
C ASP A 258 -4.57 -14.97 -11.11
N MET A 259 -3.62 -15.34 -11.97
CA MET A 259 -2.80 -14.36 -12.66
C MET A 259 -3.12 -14.30 -14.16
N SER A 260 -4.22 -14.93 -14.56
CA SER A 260 -4.63 -14.98 -15.95
C SER A 260 -4.69 -13.63 -16.66
N GLU A 261 -4.90 -12.55 -15.91
CA GLU A 261 -4.98 -11.20 -16.49
C GLU A 261 -3.61 -10.59 -16.75
N ILE A 262 -2.57 -11.14 -16.15
CA ILE A 262 -1.22 -10.60 -16.30
C ILE A 262 -0.19 -11.60 -16.85
N ASP A 263 -0.35 -12.88 -16.53
CA ASP A 263 0.58 -13.91 -17.00
C ASP A 263 -0.11 -15.25 -17.24
N PRO A 264 -0.52 -15.51 -18.50
CA PRO A 264 -1.19 -16.74 -18.88
C PRO A 264 -0.40 -18.02 -18.56
N ASP A 265 0.92 -17.93 -18.63
CA ASP A 265 1.76 -19.09 -18.35
C ASP A 265 1.88 -19.42 -16.86
N ASN A 266 1.40 -18.53 -16.00
CA ASN A 266 1.44 -18.77 -14.58
C ASN A 266 0.07 -19.28 -14.14
N LYS A 267 -0.03 -20.59 -13.92
CA LYS A 267 -1.28 -21.21 -13.53
C LYS A 267 -1.48 -21.24 -12.01
N LYS A 268 -0.57 -20.62 -11.27
CA LYS A 268 -0.65 -20.58 -9.82
C LYS A 268 -1.81 -19.70 -9.35
N THR A 269 -2.57 -20.20 -8.38
CA THR A 269 -3.71 -19.46 -7.83
C THR A 269 -3.46 -19.06 -6.39
N ILE A 270 -4.23 -18.09 -5.91
CA ILE A 270 -4.08 -17.61 -4.54
C ILE A 270 -5.43 -17.55 -3.83
N GLY A 271 -5.51 -18.23 -2.68
CA GLY A 271 -6.74 -18.25 -1.92
C GLY A 271 -6.81 -17.08 -0.96
N LEU A 272 -7.94 -16.39 -0.96
CA LEU A 272 -8.13 -15.25 -0.06
C LEU A 272 -9.32 -15.51 0.84
N TYR A 273 -9.19 -15.12 2.10
CA TYR A 273 -10.25 -15.29 3.09
C TYR A 273 -10.81 -13.93 3.49
N THR A 274 -12.13 -13.80 3.47
CA THR A 274 -12.77 -12.55 3.88
C THR A 274 -13.80 -12.93 4.93
N ILE A 275 -13.98 -12.06 5.91
CA ILE A 275 -14.93 -12.28 6.98
C ILE A 275 -16.30 -11.73 6.59
N THR A 276 -17.34 -12.53 6.77
CA THR A 276 -18.69 -12.09 6.44
C THR A 276 -18.99 -10.75 7.11
N GLU A 277 -19.58 -9.83 6.36
CA GLU A 277 -19.89 -8.53 6.91
C GLU A 277 -21.14 -8.50 7.80
N LEU A 278 -21.11 -7.61 8.78
CA LEU A 278 -22.24 -7.43 9.69
C LEU A 278 -22.94 -6.22 9.10
N ASP A 279 -24.21 -5.99 9.45
CA ASP A 279 -24.90 -4.83 8.92
C ASP A 279 -24.15 -3.61 9.44
N SER A 280 -24.09 -2.56 8.63
CA SER A 280 -23.39 -1.34 9.05
C SER A 280 -24.10 -0.76 10.27
N PHE A 281 -25.36 -1.13 10.45
CA PHE A 281 -26.16 -0.63 11.56
C PHE A 281 -26.25 -1.59 12.74
N ASP A 282 -25.65 -2.78 12.59
CA ASP A 282 -25.62 -3.77 13.66
C ASP A 282 -25.14 -3.05 14.94
N PRO A 283 -25.94 -3.09 16.02
CA PRO A 283 -25.59 -2.43 17.28
C PRO A 283 -24.19 -2.75 17.84
N ILE A 284 -23.79 -4.01 17.71
CA ILE A 284 -22.50 -4.41 18.24
C ILE A 284 -21.35 -3.57 17.65
N ASN A 285 -21.53 -3.05 16.44
CA ASN A 285 -20.51 -2.21 15.81
C ASN A 285 -20.25 -0.93 16.57
N SER A 286 -21.17 -0.54 17.45
CA SER A 286 -21.01 0.68 18.23
C SER A 286 -20.00 0.50 19.37
N PHE A 287 -19.67 -0.75 19.67
CA PHE A 287 -18.69 -1.08 20.71
C PHE A 287 -18.25 -2.52 20.43
N PRO A 288 -17.52 -2.72 19.32
CA PRO A 288 -17.01 -4.01 18.87
C PRO A 288 -15.80 -4.61 19.60
N THR A 289 -15.34 -3.97 20.67
CA THR A 289 -14.18 -4.50 21.39
C THR A 289 -14.45 -4.79 22.86
N ALA A 290 -15.69 -5.16 23.18
CA ALA A 290 -16.04 -5.48 24.57
C ALA A 290 -15.27 -6.72 25.04
N ILE A 291 -15.10 -7.70 24.16
CA ILE A 291 -14.37 -8.91 24.52
C ILE A 291 -12.90 -8.51 24.82
N GLU A 292 -12.30 -7.74 23.92
CA GLU A 292 -10.93 -7.30 24.10
C GLU A 292 -10.76 -6.57 25.43
N GLU A 293 -11.66 -5.65 25.73
CA GLU A 293 -11.58 -4.91 26.98
C GLU A 293 -11.78 -5.77 28.21
N ALA A 294 -12.61 -6.80 28.07
CA ALA A 294 -12.86 -7.69 29.20
C ALA A 294 -11.70 -8.65 29.44
N VAL A 295 -11.17 -9.22 28.37
CA VAL A 295 -10.08 -10.18 28.48
C VAL A 295 -8.71 -9.59 28.84
N LEU A 296 -8.26 -8.59 28.09
CA LEU A 296 -6.95 -7.98 28.31
C LEU A 296 -6.88 -6.82 29.29
N VAL A 297 -5.92 -6.88 30.20
CA VAL A 297 -5.72 -5.83 31.19
C VAL A 297 -5.37 -4.56 30.42
N ASN A 298 -4.59 -4.72 29.36
CA ASN A 298 -4.20 -3.61 28.51
C ASN A 298 -4.58 -3.90 27.06
N PRO A 299 -5.85 -3.63 26.69
CA PRO A 299 -6.36 -3.88 25.34
C PRO A 299 -5.53 -3.26 24.23
N THR A 300 -5.37 -3.99 23.15
CA THR A 300 -4.62 -3.49 22.01
C THR A 300 -5.57 -2.69 21.13
N GLU A 301 -6.74 -3.26 20.85
CA GLU A 301 -7.75 -2.63 20.00
C GLU A 301 -8.64 -1.66 20.79
N LYS A 302 -8.72 -0.43 20.30
CA LYS A 302 -9.52 0.60 20.96
C LYS A 302 -9.49 1.90 20.17
N MET A 303 -10.50 2.74 20.35
CA MET A 303 -10.52 4.03 19.66
C MET A 303 -9.82 5.03 20.57
N PHE A 304 -9.37 6.13 20.00
CA PHE A 304 -8.69 7.16 20.75
C PHE A 304 -9.51 8.45 20.62
N PHE A 305 -10.38 8.70 21.60
CA PHE A 305 -11.23 9.88 21.61
C PHE A 305 -10.79 10.91 22.66
N GLY A 306 -11.12 12.17 22.43
CA GLY A 306 -10.77 13.22 23.37
C GLY A 306 -9.30 13.30 23.72
N ASP A 307 -8.99 13.29 25.01
CA ASP A 307 -7.60 13.37 25.44
C ASP A 307 -6.82 12.06 25.37
N ASP A 308 -7.48 10.97 25.00
CA ASP A 308 -6.80 9.68 24.86
C ASP A 308 -6.00 9.72 23.56
N ILE A 309 -4.69 9.74 23.69
CA ILE A 309 -3.81 9.80 22.53
C ILE A 309 -2.95 8.55 22.43
N PRO A 310 -2.78 8.03 21.21
CA PRO A 310 -1.98 6.83 21.02
C PRO A 310 -0.53 7.07 21.46
N PRO A 311 0.15 6.03 21.95
CA PRO A 311 1.54 6.23 22.36
C PRO A 311 2.39 6.25 21.08
N VAL A 312 3.69 6.54 21.21
CA VAL A 312 4.54 6.58 20.03
C VAL A 312 5.28 5.25 19.84
N ALA A 313 5.04 4.59 18.71
CA ALA A 313 5.68 3.32 18.41
C ALA A 313 7.21 3.47 18.48
N ASN A 314 7.88 2.45 19.01
CA ASN A 314 9.34 2.47 19.14
C ASN A 314 10.07 1.85 17.95
N THR A 315 9.43 0.90 17.29
CA THR A 315 10.08 0.27 16.15
C THR A 315 9.28 0.40 14.86
N GLN A 316 10.03 0.38 13.76
CA GLN A 316 9.50 0.50 12.41
C GLN A 316 8.54 -0.62 12.04
N LEU A 317 7.49 -0.24 11.33
CA LEU A 317 6.48 -1.16 10.86
C LEU A 317 7.16 -2.28 10.05
N ARG A 318 6.87 -3.53 10.39
CA ARG A 318 7.42 -4.69 9.68
C ARG A 318 8.94 -4.84 9.74
N ASN A 319 9.58 -4.16 10.70
CA ASN A 319 11.05 -4.25 10.85
C ASN A 319 11.40 -4.09 12.33
N PRO A 320 11.07 -5.11 13.13
CA PRO A 320 11.33 -5.11 14.58
C PRO A 320 12.75 -4.72 14.98
N ALA A 321 13.70 -4.91 14.08
CA ALA A 321 15.10 -4.59 14.35
C ALA A 321 15.40 -3.12 14.16
N VAL A 322 14.51 -2.39 13.52
CA VAL A 322 14.74 -0.97 13.31
C VAL A 322 13.97 -0.12 14.30
N ARG A 323 14.68 0.74 15.03
CA ARG A 323 14.05 1.64 15.98
C ARG A 323 13.73 2.93 15.25
N ASN A 324 12.55 3.49 15.50
CA ASN A 324 12.20 4.76 14.88
C ASN A 324 13.18 5.76 15.49
N THR A 325 13.76 6.65 14.69
CA THR A 325 14.69 7.63 15.23
C THR A 325 14.01 8.69 16.09
N PRO A 326 14.81 9.52 16.77
CA PRO A 326 14.20 10.55 17.59
C PRO A 326 13.32 11.49 16.76
N GLU A 327 13.80 11.90 15.59
CA GLU A 327 13.02 12.81 14.76
C GLU A 327 11.78 12.13 14.16
N GLN A 328 11.89 10.83 13.86
CA GLN A 328 10.74 10.10 13.34
C GLN A 328 9.70 10.03 14.45
N LYS A 329 10.16 9.75 15.67
CA LYS A 329 9.24 9.69 16.81
C LYS A 329 8.52 11.01 17.02
N ALA A 330 9.22 12.13 16.93
CA ALA A 330 8.57 13.42 17.13
C ALA A 330 7.54 13.65 16.01
N ALA A 331 7.86 13.20 14.81
CA ALA A 331 6.95 13.36 13.68
C ALA A 331 5.67 12.55 13.97
N LEU A 332 5.83 11.30 14.37
CA LEU A 332 4.68 10.45 14.69
C LEU A 332 3.83 11.08 15.81
N LYS A 333 4.49 11.62 16.83
CA LYS A 333 3.80 12.26 17.95
C LYS A 333 2.98 13.43 17.43
N ALA A 334 3.59 14.22 16.54
CA ALA A 334 2.91 15.38 15.95
C ALA A 334 1.66 14.96 15.17
N GLU A 335 1.74 13.88 14.40
CA GLU A 335 0.59 13.44 13.62
C GLU A 335 -0.48 12.80 14.49
N GLN A 336 -0.06 12.11 15.54
CA GLN A 336 -1.00 11.47 16.44
C GLN A 336 -1.72 12.52 17.31
N ALA A 337 -1.06 13.66 17.53
CA ALA A 337 -1.65 14.74 18.32
C ALA A 337 -2.79 15.45 17.59
N THR A 338 -2.77 15.41 16.26
CA THR A 338 -3.82 16.08 15.49
C THR A 338 -5.23 15.55 15.78
N GLU A 339 -6.17 16.48 15.93
CA GLU A 339 -7.56 16.13 16.23
C GLU A 339 -8.40 16.04 14.97
N PHE A 340 -9.09 14.93 14.79
CA PHE A 340 -9.97 14.75 13.63
C PHE A 340 -11.40 14.88 14.16
N TYR A 341 -12.29 15.43 13.33
CA TYR A 341 -13.71 15.64 13.69
C TYR A 341 -14.67 15.16 12.62
N VAL A 342 -15.79 14.62 13.06
CA VAL A 342 -16.82 14.16 12.17
C VAL A 342 -17.54 15.35 11.49
N HIS A 343 -17.74 15.26 10.18
CA HIS A 343 -18.46 16.30 9.45
C HIS A 343 -19.86 15.75 9.21
N THR A 344 -20.74 16.04 10.15
CA THR A 344 -22.12 15.56 10.10
C THR A 344 -22.86 15.62 8.76
N PRO A 345 -22.73 16.72 8.01
CA PRO A 345 -23.44 16.75 6.72
C PRO A 345 -23.10 15.59 5.78
N MET A 346 -21.82 15.23 5.67
CA MET A 346 -21.43 14.13 4.79
C MET A 346 -21.87 12.79 5.36
N VAL A 347 -21.83 12.65 6.67
CA VAL A 347 -22.27 11.41 7.28
C VAL A 347 -23.76 11.23 6.93
N GLN A 348 -24.55 12.28 7.09
CA GLN A 348 -25.96 12.21 6.77
C GLN A 348 -26.18 11.94 5.28
N PHE A 349 -25.36 12.55 4.44
CA PHE A 349 -25.47 12.33 3.01
C PHE A 349 -25.16 10.86 2.65
N TYR A 350 -24.09 10.32 3.21
CA TYR A 350 -23.69 8.92 2.97
C TYR A 350 -24.82 7.98 3.39
N GLU A 351 -25.35 8.26 4.57
CA GLU A 351 -26.43 7.48 5.17
C GLU A 351 -27.71 7.46 4.34
N THR A 352 -28.07 8.59 3.74
CA THR A 352 -29.28 8.67 2.92
C THR A 352 -29.07 8.05 1.55
N LEU A 353 -27.90 8.27 0.97
CA LEU A 353 -27.59 7.71 -0.34
C LEU A 353 -27.56 6.19 -0.21
N GLY A 354 -26.87 5.72 0.82
CA GLY A 354 -26.77 4.29 1.05
C GLY A 354 -25.64 3.65 0.27
N LYS A 355 -25.21 2.50 0.77
CA LYS A 355 -24.13 1.71 0.19
C LYS A 355 -24.30 1.39 -1.29
N ASP A 356 -25.38 0.70 -1.65
CA ASP A 356 -25.62 0.34 -3.05
C ASP A 356 -25.54 1.53 -3.99
N ARG A 357 -26.23 2.61 -3.65
CA ARG A 357 -26.18 3.78 -4.52
C ARG A 357 -24.79 4.41 -4.59
N ILE A 358 -24.03 4.33 -3.50
CA ILE A 358 -22.67 4.88 -3.52
C ILE A 358 -21.86 4.08 -4.54
N LEU A 359 -22.01 2.76 -4.49
CA LEU A 359 -21.33 1.88 -5.43
C LEU A 359 -21.74 2.10 -6.88
N GLU A 360 -23.04 2.27 -7.12
CA GLU A 360 -23.50 2.48 -8.48
C GLU A 360 -22.90 3.76 -9.02
N LEU A 361 -22.82 4.78 -8.16
CA LEU A 361 -22.27 6.07 -8.56
C LEU A 361 -20.79 6.03 -8.91
N MET A 362 -19.99 5.51 -7.98
CA MET A 362 -18.55 5.44 -8.18
C MET A 362 -18.14 4.26 -9.07
N GLY A 363 -19.01 3.25 -9.14
CA GLY A 363 -18.72 2.06 -9.93
C GLY A 363 -19.17 2.10 -11.39
N ALA A 364 -19.92 1.08 -11.79
CA ALA A 364 -20.38 0.96 -13.17
C ALA A 364 -21.79 1.48 -13.45
N GLY A 365 -22.36 2.25 -12.53
CA GLY A 365 -23.68 2.78 -12.75
C GLY A 365 -24.80 1.80 -12.46
N THR A 366 -24.44 0.54 -12.28
CA THR A 366 -25.41 -0.50 -11.97
C THR A 366 -24.70 -1.56 -11.18
N LEU A 367 -25.48 -2.44 -10.56
CA LEU A 367 -24.91 -3.54 -9.79
C LEU A 367 -25.47 -4.84 -10.37
N ASN A 368 -26.25 -4.71 -11.44
CA ASN A 368 -26.83 -5.86 -12.12
C ASN A 368 -25.80 -6.45 -13.08
N LYS A 369 -25.16 -7.53 -12.64
CA LYS A 369 -24.13 -8.19 -13.44
C LYS A 369 -24.52 -8.54 -14.87
N GLU A 370 -25.80 -8.44 -15.18
CA GLU A 370 -26.26 -8.78 -16.53
C GLU A 370 -25.85 -7.68 -17.51
N LEU A 371 -25.60 -6.49 -16.99
CA LEU A 371 -25.20 -5.36 -17.81
C LEU A 371 -23.70 -5.11 -17.76
N LEU A 372 -22.95 -6.06 -17.22
CA LEU A 372 -21.51 -5.90 -17.11
C LEU A 372 -20.74 -6.98 -17.84
N ASN A 373 -19.65 -6.59 -18.48
CA ASN A 373 -18.80 -7.56 -19.14
C ASN A 373 -18.24 -8.43 -18.00
N ASP A 374 -18.16 -9.73 -18.21
CA ASP A 374 -17.68 -10.64 -17.18
C ASP A 374 -16.42 -10.18 -16.47
N ASN A 375 -15.41 -9.78 -17.24
CA ASN A 375 -14.14 -9.32 -16.67
C ASN A 375 -14.27 -8.03 -15.90
N HIS A 376 -15.10 -7.12 -16.40
CA HIS A 376 -15.32 -5.84 -15.73
C HIS A 376 -15.95 -6.13 -14.37
N ALA A 377 -16.98 -6.98 -14.37
CA ALA A 377 -17.66 -7.34 -13.13
C ALA A 377 -16.68 -7.86 -12.09
N LYS A 378 -15.78 -8.73 -12.55
CA LYS A 378 -14.79 -9.33 -11.68
C LYS A 378 -13.87 -8.31 -11.02
N SER A 379 -13.44 -7.31 -11.78
CA SER A 379 -12.55 -6.28 -11.25
C SER A 379 -13.26 -5.34 -10.30
N LEU A 380 -14.58 -5.28 -10.39
CA LEU A 380 -15.35 -4.42 -9.50
C LEU A 380 -15.63 -5.07 -8.14
N GLU A 381 -15.40 -6.38 -8.03
CA GLU A 381 -15.64 -7.11 -6.78
C GLU A 381 -14.81 -6.56 -5.64
N GLY A 382 -13.50 -6.56 -5.82
CA GLY A 382 -12.61 -6.06 -4.80
C GLY A 382 -12.88 -4.61 -4.52
N LYS A 383 -13.08 -3.82 -5.56
CA LYS A 383 -13.34 -2.40 -5.39
C LYS A 383 -14.64 -2.18 -4.62
N ASN A 384 -15.68 -2.95 -4.95
CA ASN A 384 -16.95 -2.82 -4.27
C ASN A 384 -16.86 -3.15 -2.79
N ARG A 385 -16.22 -4.26 -2.43
CA ARG A 385 -16.15 -4.58 -1.00
C ARG A 385 -15.27 -3.62 -0.24
N SER A 386 -14.31 -3.00 -0.92
CA SER A 386 -13.46 -2.02 -0.26
C SER A 386 -14.29 -0.82 0.15
N VAL A 387 -15.14 -0.32 -0.75
CA VAL A 387 -15.98 0.82 -0.44
C VAL A 387 -16.99 0.38 0.65
N GLU A 388 -17.51 -0.82 0.50
CA GLU A 388 -18.47 -1.36 1.45
C GLU A 388 -17.86 -1.42 2.85
N ASP A 389 -16.64 -1.95 2.94
CA ASP A 389 -15.97 -2.05 4.23
C ASP A 389 -15.59 -0.69 4.80
N SER A 390 -15.30 0.28 3.94
CA SER A 390 -14.96 1.60 4.46
C SER A 390 -16.22 2.25 5.04
N TYR A 391 -17.35 2.05 4.38
CA TYR A 391 -18.65 2.57 4.83
C TYR A 391 -18.97 1.95 6.18
N ASN A 392 -18.81 0.63 6.29
CA ASN A 392 -19.10 -0.06 7.55
C ASN A 392 -18.18 0.41 8.67
N GLN A 393 -16.89 0.58 8.38
CA GLN A 393 -15.98 1.03 9.43
C GLN A 393 -16.30 2.49 9.80
N LEU A 394 -16.72 3.29 8.83
CA LEU A 394 -17.07 4.68 9.13
C LEU A 394 -18.22 4.74 10.14
N PHE A 395 -19.32 4.07 9.83
CA PHE A 395 -20.46 4.12 10.74
C PHE A 395 -20.22 3.43 12.07
N SER A 396 -19.27 2.51 12.10
CA SER A 396 -18.93 1.87 13.36
C SER A 396 -18.30 2.96 14.25
N VAL A 397 -17.43 3.79 13.65
CA VAL A 397 -16.78 4.88 14.39
C VAL A 397 -17.83 5.92 14.78
N ILE A 398 -18.74 6.21 13.86
CA ILE A 398 -19.80 7.18 14.11
C ILE A 398 -20.67 6.71 15.30
N GLU A 399 -21.08 5.44 15.29
CA GLU A 399 -21.90 4.89 16.37
C GLU A 399 -21.13 4.98 17.69
N GLN A 400 -19.82 4.74 17.65
CA GLN A 400 -19.00 4.81 18.86
C GLN A 400 -18.91 6.24 19.38
N VAL A 401 -18.62 7.17 18.48
CA VAL A 401 -18.51 8.58 18.83
C VAL A 401 -19.85 9.08 19.39
N ARG A 402 -20.94 8.69 18.74
CA ARG A 402 -22.27 9.10 19.16
C ARG A 402 -22.60 8.74 20.59
N ALA A 403 -21.96 7.71 21.12
CA ALA A 403 -22.20 7.30 22.50
C ALA A 403 -21.45 8.24 23.45
N GLN A 404 -20.39 8.87 22.93
CA GLN A 404 -19.58 9.81 23.72
C GLN A 404 -20.23 11.19 23.85
N SER A 405 -21.09 11.53 22.89
CA SER A 405 -21.77 12.82 22.89
C SER A 405 -22.89 12.88 21.87
N GLU A 406 -23.95 13.61 22.20
CA GLU A 406 -25.09 13.74 21.30
C GLU A 406 -24.60 14.40 20.00
N ASP A 407 -23.81 15.46 20.15
CA ASP A 407 -23.26 16.17 19.01
C ASP A 407 -21.96 15.45 18.62
N ILE A 408 -22.06 14.58 17.64
CA ILE A 408 -20.92 13.80 17.19
C ILE A 408 -19.79 14.64 16.58
N SER A 409 -20.09 15.87 16.19
CA SER A 409 -19.07 16.72 15.58
C SER A 409 -18.14 17.40 16.57
N THR A 410 -18.36 17.18 17.86
CA THR A 410 -17.56 17.82 18.90
C THR A 410 -16.56 16.89 19.56
N VAL A 411 -16.56 15.62 19.16
CA VAL A 411 -15.64 14.66 19.77
C VAL A 411 -14.34 14.48 18.99
N PRO A 412 -13.20 14.85 19.60
CA PRO A 412 -11.90 14.71 18.93
C PRO A 412 -11.55 13.24 18.71
N ILE A 413 -11.02 12.93 17.53
CA ILE A 413 -10.60 11.57 17.22
C ILE A 413 -9.11 11.63 16.89
N HIS A 414 -8.33 10.73 17.47
CA HIS A 414 -6.90 10.66 17.21
C HIS A 414 -6.61 9.33 16.51
N TYR A 415 -5.63 9.34 15.61
CA TYR A 415 -5.27 8.12 14.90
C TYR A 415 -3.82 7.79 15.17
N ALA A 416 -3.54 6.49 15.31
CA ALA A 416 -2.19 6.02 15.55
C ALA A 416 -1.51 5.91 14.19
N TYR A 417 -0.21 6.19 14.17
CA TYR A 417 0.60 6.11 12.96
C TYR A 417 1.89 5.36 13.30
N ASN A 418 2.64 5.01 12.27
CA ASN A 418 3.95 4.40 12.47
C ASN A 418 4.69 4.55 11.16
N MET A 419 6.01 4.56 11.24
CA MET A 419 6.85 4.71 10.07
C MET A 419 6.90 3.38 9.33
N THR A 420 6.90 3.45 8.00
CA THR A 420 6.98 2.23 7.21
C THR A 420 8.45 2.02 6.85
N ARG A 421 8.68 0.93 6.14
CA ARG A 421 9.98 0.49 5.64
C ARG A 421 10.68 1.67 4.93
N VAL A 422 9.92 2.46 4.17
CA VAL A 422 10.50 3.56 3.43
C VAL A 422 10.37 4.92 4.09
N GLY A 423 10.13 4.94 5.40
CA GLY A 423 10.03 6.20 6.11
C GLY A 423 8.77 7.02 5.91
N ARG A 424 7.68 6.39 5.47
CA ARG A 424 6.43 7.13 5.30
C ARG A 424 5.61 6.97 6.58
N MET A 425 4.86 8.00 6.95
CA MET A 425 4.02 7.92 8.14
C MET A 425 2.66 7.39 7.73
N GLN A 426 2.42 6.12 8.05
CA GLN A 426 1.18 5.48 7.71
C GLN A 426 0.24 5.36 8.87
N MET A 427 -1.01 5.75 8.64
CA MET A 427 -2.05 5.68 9.64
C MET A 427 -2.36 4.20 9.78
N LEU A 428 -2.36 3.69 11.01
CA LEU A 428 -2.64 2.28 11.19
C LEU A 428 -4.09 2.01 10.80
N GLY A 429 -4.39 0.77 10.45
CA GLY A 429 -5.76 0.45 10.05
C GLY A 429 -5.85 0.41 8.54
N LYS A 430 -6.99 0.01 8.01
CA LYS A 430 -7.16 -0.06 6.57
C LYS A 430 -8.18 0.95 6.08
N TYR A 431 -9.13 1.27 6.95
CA TYR A 431 -10.19 2.19 6.60
C TYR A 431 -10.18 3.42 7.50
N ASN A 432 -9.25 4.32 7.23
CA ASN A 432 -9.09 5.53 8.00
C ASN A 432 -9.02 6.70 7.00
N PRO A 433 -8.99 7.95 7.48
CA PRO A 433 -8.92 9.09 6.57
C PRO A 433 -7.80 9.05 5.52
N GLN A 434 -6.62 8.61 5.94
CA GLN A 434 -5.50 8.54 5.02
C GLN A 434 -5.69 7.55 3.89
N SER A 435 -6.11 6.34 4.22
CA SER A 435 -6.26 5.29 3.19
C SER A 435 -7.57 5.15 2.43
N ALA A 436 -8.69 5.50 3.07
CA ALA A 436 -10.02 5.35 2.49
C ALA A 436 -10.67 6.66 2.10
N LYS A 437 -10.79 6.88 0.79
CA LYS A 437 -11.38 8.11 0.28
C LYS A 437 -12.79 8.39 0.81
N LEU A 438 -13.59 7.36 1.08
CA LEU A 438 -14.94 7.60 1.59
C LEU A 438 -14.85 8.17 3.01
N VAL A 439 -14.00 7.54 3.83
CA VAL A 439 -13.82 7.96 5.20
C VAL A 439 -13.22 9.37 5.26
N ARG A 440 -12.35 9.68 4.31
CA ARG A 440 -11.66 10.97 4.28
C ARG A 440 -12.61 12.19 4.18
N GLU A 441 -13.78 12.01 3.60
CA GLU A 441 -14.70 13.13 3.50
C GLU A 441 -15.70 13.20 4.67
N ALA A 442 -15.57 12.29 5.62
CA ALA A 442 -16.48 12.29 6.78
C ALA A 442 -15.75 12.56 8.09
N ILE A 443 -14.45 12.26 8.14
CA ILE A 443 -13.67 12.50 9.35
C ILE A 443 -12.45 13.30 8.92
N LEU A 444 -12.41 14.56 9.34
CA LEU A 444 -11.35 15.47 8.92
C LEU A 444 -10.70 16.26 10.04
N PRO A 445 -9.43 16.64 9.86
CA PRO A 445 -8.69 17.42 10.85
C PRO A 445 -8.68 18.86 10.35
N THR A 446 -9.10 19.05 9.11
CA THR A 446 -9.09 20.37 8.48
C THR A 446 -10.33 21.15 8.84
N LYS A 447 -10.17 22.43 9.11
CA LYS A 447 -11.31 23.26 9.45
C LYS A 447 -10.94 24.71 9.26
N ALA A 448 -11.94 25.51 8.90
CA ALA A 448 -11.72 26.91 8.67
C ALA A 448 -13.01 27.69 8.84
N THR A 449 -12.88 28.96 9.17
CA THR A 449 -14.02 29.86 9.32
C THR A 449 -13.70 30.90 8.27
N LEU A 450 -14.57 31.03 7.27
CA LEU A 450 -14.31 31.94 6.17
C LEU A 450 -15.26 33.11 5.99
N ASP A 451 -14.70 34.24 5.58
CA ASP A 451 -15.53 35.41 5.31
C ASP A 451 -15.85 35.31 3.84
N LEU A 452 -17.01 34.76 3.54
CA LEU A 452 -17.44 34.59 2.15
C LEU A 452 -18.53 35.60 1.77
N SER A 453 -18.53 36.74 2.45
CA SER A 453 -19.52 37.78 2.20
C SER A 453 -19.31 38.51 0.87
N ASN A 454 -18.07 38.49 0.36
CA ASN A 454 -17.78 39.15 -0.91
C ASN A 454 -16.96 38.19 -1.78
N GLN A 455 -17.41 37.98 -3.01
CA GLN A 455 -16.76 37.05 -3.93
C GLN A 455 -15.31 37.35 -4.22
N ASN A 456 -14.86 38.55 -3.89
CA ASN A 456 -13.46 38.92 -4.14
C ASN A 456 -12.56 38.79 -2.90
N ASN A 457 -13.13 38.31 -1.80
CA ASN A 457 -12.35 38.14 -0.57
C ASN A 457 -11.28 37.05 -0.70
N GLU A 458 -10.19 37.19 0.05
CA GLU A 458 -9.12 36.20 0.04
C GLU A 458 -9.71 34.83 0.39
N ASP A 459 -10.61 34.82 1.36
CA ASP A 459 -11.25 33.58 1.81
C ASP A 459 -12.11 32.94 0.73
N PHE A 460 -12.74 33.76 -0.09
CA PHE A 460 -13.62 33.23 -1.13
C PHE A 460 -12.78 32.53 -2.19
N SER A 461 -11.60 33.09 -2.47
CA SER A 461 -10.69 32.49 -3.45
C SER A 461 -10.22 31.13 -2.94
N ALA A 462 -9.96 31.05 -1.63
CA ALA A 462 -9.49 29.81 -1.00
C ALA A 462 -10.58 28.75 -1.13
N PHE A 463 -11.82 29.19 -0.88
CA PHE A 463 -12.98 28.34 -0.95
C PHE A 463 -13.15 27.80 -2.37
N GLN A 464 -13.03 28.68 -3.37
CA GLN A 464 -13.16 28.23 -4.76
C GLN A 464 -12.05 27.25 -5.13
N LEU A 465 -10.82 27.52 -4.67
CA LEU A 465 -9.68 26.64 -4.95
C LEU A 465 -9.97 25.22 -4.43
N GLY A 466 -10.48 25.13 -3.21
CA GLY A 466 -10.81 23.82 -2.65
C GLY A 466 -11.92 23.12 -3.42
N LEU A 467 -12.93 23.89 -3.81
CA LEU A 467 -14.03 23.33 -4.57
C LEU A 467 -13.54 22.87 -5.94
N ALA A 468 -12.77 23.72 -6.61
CA ALA A 468 -12.27 23.40 -7.94
C ALA A 468 -11.40 22.13 -7.94
N GLN A 469 -10.47 22.05 -7.00
CA GLN A 469 -9.60 20.88 -6.93
C GLN A 469 -10.42 19.62 -6.67
N ALA A 470 -11.38 19.70 -5.77
CA ALA A 470 -12.21 18.54 -5.46
C ALA A 470 -13.03 18.09 -6.67
N LEU A 471 -13.30 19.02 -7.59
CA LEU A 471 -14.09 18.74 -8.80
C LEU A 471 -13.20 18.33 -9.96
N ASP A 472 -11.93 18.08 -9.65
CA ASP A 472 -10.95 17.63 -10.64
C ASP A 472 -10.46 18.67 -11.64
N ILE A 473 -10.56 19.95 -11.29
CA ILE A 473 -10.03 21.00 -12.16
C ILE A 473 -8.53 20.97 -11.81
N LYS A 474 -7.67 21.01 -12.82
CA LYS A 474 -6.22 20.96 -12.58
C LYS A 474 -5.69 22.30 -12.12
N VAL A 475 -6.00 22.65 -10.87
CA VAL A 475 -5.64 23.93 -10.28
C VAL A 475 -4.20 24.38 -10.25
N HIS A 476 -3.24 23.46 -10.23
CA HIS A 476 -1.84 23.87 -10.21
C HIS A 476 -1.38 24.18 -11.62
N THR A 477 -2.27 23.92 -12.57
CA THR A 477 -2.03 24.09 -13.99
C THR A 477 -2.48 25.43 -14.55
N MET A 478 -3.13 26.23 -13.73
CA MET A 478 -3.67 27.51 -14.17
C MET A 478 -3.62 28.55 -13.06
N THR A 479 -3.80 29.82 -13.45
CA THR A 479 -3.84 30.91 -12.49
C THR A 479 -5.13 30.79 -11.67
N ARG A 480 -5.22 31.54 -10.56
CA ARG A 480 -6.42 31.50 -9.74
C ARG A 480 -7.64 31.98 -10.51
N GLU A 481 -7.46 33.05 -11.30
CA GLU A 481 -8.56 33.61 -12.08
C GLU A 481 -9.15 32.59 -13.03
N VAL A 482 -8.29 31.88 -13.76
CA VAL A 482 -8.78 30.87 -14.68
C VAL A 482 -9.49 29.72 -13.97
N MET A 483 -8.95 29.23 -12.84
CA MET A 483 -9.64 28.16 -12.13
C MET A 483 -10.99 28.69 -11.64
N SER A 484 -11.02 29.95 -11.21
CA SER A 484 -12.25 30.58 -10.76
C SER A 484 -13.28 30.58 -11.90
N ASP A 485 -12.84 30.92 -13.11
CA ASP A 485 -13.73 30.93 -14.26
C ASP A 485 -14.25 29.53 -14.56
N GLU A 486 -13.35 28.55 -14.61
CA GLU A 486 -13.72 27.16 -14.88
C GLU A 486 -14.68 26.61 -13.82
N LEU A 487 -14.45 26.96 -12.56
CA LEU A 487 -15.32 26.47 -11.51
C LEU A 487 -16.72 27.04 -11.71
N THR A 488 -16.81 28.35 -11.92
CA THR A 488 -18.11 28.99 -12.11
C THR A 488 -18.92 28.36 -13.23
N LYS A 489 -18.26 28.05 -14.34
CA LYS A 489 -18.94 27.44 -15.47
C LYS A 489 -19.53 26.08 -15.12
N LEU A 490 -18.82 25.31 -14.30
CA LEU A 490 -19.31 24.01 -13.86
C LEU A 490 -20.54 24.20 -12.99
N LEU A 491 -20.44 25.11 -12.03
CA LEU A 491 -21.54 25.38 -11.11
C LEU A 491 -22.77 25.94 -11.82
N GLU A 492 -22.58 26.68 -12.90
CA GLU A 492 -23.71 27.24 -13.64
C GLU A 492 -24.20 26.23 -14.68
N GLY A 493 -23.31 25.35 -15.11
CA GLY A 493 -23.67 24.36 -16.11
C GLY A 493 -24.06 23.00 -15.58
N ASN A 494 -23.24 22.00 -15.88
CA ASN A 494 -23.49 20.62 -15.45
C ASN A 494 -23.80 20.35 -13.99
N LEU A 495 -23.14 21.06 -13.08
CA LEU A 495 -23.35 20.80 -11.67
C LEU A 495 -24.65 21.37 -11.13
N LYS A 496 -25.23 22.32 -11.85
CA LYS A 496 -26.47 22.97 -11.44
C LYS A 496 -27.53 22.01 -10.89
N PRO A 497 -27.87 20.95 -11.63
CA PRO A 497 -28.88 20.01 -11.13
C PRO A 497 -28.48 19.31 -9.84
N ALA A 498 -27.18 19.04 -9.68
CA ALA A 498 -26.70 18.38 -8.48
C ALA A 498 -26.72 19.35 -7.30
N ILE A 499 -26.30 20.59 -7.52
CA ILE A 499 -26.31 21.56 -6.44
C ILE A 499 -27.74 21.72 -5.90
N ASP A 500 -28.71 21.88 -6.80
CA ASP A 500 -30.11 22.02 -6.38
C ASP A 500 -30.54 20.82 -5.55
N MET A 501 -30.13 19.62 -5.99
CA MET A 501 -30.49 18.42 -5.25
C MET A 501 -29.92 18.47 -3.82
N MET A 502 -28.70 18.98 -3.70
CA MET A 502 -28.04 19.08 -2.40
C MET A 502 -28.73 20.08 -1.48
N VAL A 503 -29.11 21.23 -2.03
CA VAL A 503 -29.80 22.26 -1.23
C VAL A 503 -31.06 21.67 -0.63
N GLU A 504 -31.81 20.95 -1.47
CA GLU A 504 -33.06 20.29 -1.06
C GLU A 504 -32.78 19.26 0.05
N PHE A 505 -31.67 18.54 -0.08
CA PHE A 505 -31.31 17.53 0.90
C PHE A 505 -31.04 18.14 2.25
N ASN A 506 -30.28 19.22 2.26
CA ASN A 506 -29.96 19.88 3.51
C ASN A 506 -31.18 20.49 4.17
N THR A 507 -32.26 20.63 3.40
CA THR A 507 -33.51 21.18 3.92
C THR A 507 -34.48 20.10 4.38
N THR A 508 -34.81 19.18 3.47
CA THR A 508 -35.77 18.11 3.76
C THR A 508 -35.17 16.85 4.36
N GLY A 509 -33.93 16.54 4.00
CA GLY A 509 -33.30 15.35 4.51
C GLY A 509 -33.48 14.14 3.62
N SER A 510 -34.00 14.36 2.42
CA SER A 510 -34.20 13.24 1.51
C SER A 510 -33.59 13.52 0.14
N LEU A 511 -33.47 12.46 -0.65
CA LEU A 511 -32.91 12.57 -1.99
C LEU A 511 -33.89 11.91 -2.94
N PRO A 512 -33.81 12.25 -4.24
CA PRO A 512 -34.70 11.70 -5.27
C PRO A 512 -34.29 10.25 -5.53
N GLU A 513 -35.18 9.43 -6.07
CA GLU A 513 -34.84 8.04 -6.34
C GLU A 513 -33.75 7.96 -7.41
N ASN A 514 -33.65 9.00 -8.23
CA ASN A 514 -32.65 9.01 -9.29
C ASN A 514 -31.38 9.78 -8.88
N ALA A 515 -31.14 9.88 -7.58
CA ALA A 515 -29.96 10.57 -7.08
C ALA A 515 -28.69 10.17 -7.81
N VAL A 516 -28.44 8.87 -7.94
CA VAL A 516 -27.24 8.41 -8.64
C VAL A 516 -27.21 9.00 -10.04
N ASP A 517 -28.37 8.99 -10.69
CA ASP A 517 -28.50 9.50 -12.04
C ASP A 517 -28.13 10.99 -12.07
N VAL A 518 -28.66 11.76 -11.13
CA VAL A 518 -28.39 13.19 -11.03
C VAL A 518 -26.89 13.45 -10.85
N LEU A 519 -26.32 12.80 -9.84
CA LEU A 519 -24.90 12.96 -9.54
C LEU A 519 -24.00 12.52 -10.69
N ASN A 520 -24.32 11.39 -11.31
CA ASN A 520 -23.51 10.88 -12.41
C ASN A 520 -23.53 11.75 -13.66
N THR A 521 -24.71 12.25 -14.02
CA THR A 521 -24.83 13.09 -15.19
C THR A 521 -24.11 14.41 -14.94
N ALA A 522 -24.21 14.93 -13.73
CA ALA A 522 -23.59 16.18 -13.36
C ALA A 522 -22.07 16.11 -13.28
N LEU A 523 -21.55 15.05 -12.66
CA LEU A 523 -20.12 14.88 -12.46
C LEU A 523 -19.29 14.22 -13.56
N GLY A 524 -19.87 13.28 -14.29
CA GLY A 524 -19.11 12.63 -15.33
C GLY A 524 -17.87 11.99 -14.70
N ASP A 525 -16.73 12.02 -15.38
CA ASP A 525 -15.55 11.42 -14.81
C ASP A 525 -14.91 12.27 -13.71
N ARG A 526 -15.66 13.24 -13.19
CA ARG A 526 -15.17 14.07 -12.10
C ARG A 526 -15.64 13.44 -10.79
N LYS A 527 -16.48 12.40 -10.89
CA LYS A 527 -17.02 11.74 -9.70
C LYS A 527 -15.94 11.16 -8.79
N SER A 528 -16.06 11.44 -7.51
CA SER A 528 -15.14 10.97 -6.46
C SER A 528 -15.81 11.34 -5.16
N PHE A 529 -15.29 10.83 -4.05
CA PHE A 529 -15.89 11.17 -2.79
C PHE A 529 -15.65 12.64 -2.44
N VAL A 530 -14.47 13.15 -2.79
CA VAL A 530 -14.17 14.54 -2.50
C VAL A 530 -15.05 15.48 -3.35
N ALA A 531 -15.47 15.04 -4.52
CA ALA A 531 -16.34 15.86 -5.36
C ALA A 531 -17.70 16.01 -4.65
N LEU A 532 -18.10 14.97 -3.92
CA LEU A 532 -19.36 14.99 -3.18
C LEU A 532 -19.23 16.02 -2.07
N MET A 533 -18.08 16.04 -1.41
CA MET A 533 -17.84 17.03 -0.36
C MET A 533 -17.93 18.46 -0.98
N ALA A 534 -17.43 18.62 -2.21
CA ALA A 534 -17.48 19.93 -2.87
C ALA A 534 -18.93 20.38 -3.08
N LEU A 535 -19.75 19.48 -3.64
CA LEU A 535 -21.16 19.80 -3.87
C LEU A 535 -21.88 20.13 -2.56
N MET A 536 -21.61 19.33 -1.54
CA MET A 536 -22.23 19.52 -0.22
C MET A 536 -21.84 20.87 0.39
N GLU A 537 -20.54 21.17 0.40
CA GLU A 537 -20.07 22.42 0.97
C GLU A 537 -20.56 23.64 0.20
N TYR A 538 -20.56 23.56 -1.13
CA TYR A 538 -21.06 24.70 -1.90
C TYR A 538 -22.52 24.92 -1.60
N SER A 539 -23.29 23.83 -1.51
CA SER A 539 -24.71 23.95 -1.23
C SER A 539 -24.97 24.51 0.18
N ARG A 540 -24.09 24.21 1.13
CA ARG A 540 -24.25 24.72 2.49
C ARG A 540 -23.96 26.22 2.50
N TYR A 541 -22.90 26.63 1.81
CA TYR A 541 -22.55 28.04 1.72
C TYR A 541 -23.73 28.85 1.20
N LEU A 542 -24.28 28.40 0.08
CA LEU A 542 -25.41 29.07 -0.56
C LEU A 542 -26.53 29.49 0.39
N VAL A 543 -26.93 28.59 1.27
CA VAL A 543 -28.01 28.89 2.21
C VAL A 543 -27.56 29.39 3.58
N ALA A 544 -26.25 29.41 3.82
CA ALA A 544 -25.75 29.87 5.10
C ALA A 544 -26.31 31.25 5.45
N GLU A 545 -26.72 31.40 6.71
CA GLU A 545 -27.27 32.67 7.21
C GLU A 545 -26.17 33.71 7.33
N ASP A 546 -25.07 33.34 7.95
CA ASP A 546 -23.95 34.26 8.13
C ASP A 546 -22.77 33.90 7.23
N LYS A 547 -22.84 34.30 5.96
CA LYS A 547 -21.77 34.01 5.01
C LYS A 547 -20.45 34.70 5.35
N SER A 548 -20.43 35.54 6.38
CA SER A 548 -19.18 36.21 6.72
C SER A 548 -18.35 35.36 7.68
N ALA A 549 -18.91 34.25 8.13
CA ALA A 549 -18.21 33.33 9.03
C ALA A 549 -18.62 31.90 8.69
N PHE A 550 -18.41 31.49 7.45
CA PHE A 550 -18.78 30.15 7.05
C PHE A 550 -17.76 29.13 7.56
N VAL A 551 -18.23 28.13 8.32
CA VAL A 551 -17.36 27.10 8.86
C VAL A 551 -17.39 25.86 7.98
N THR A 552 -16.21 25.38 7.56
CA THR A 552 -16.15 24.24 6.66
C THR A 552 -14.81 23.48 6.75
N PRO A 553 -14.85 22.16 6.56
CA PRO A 553 -13.62 21.38 6.63
C PRO A 553 -13.06 21.18 5.20
N LEU A 554 -13.69 21.80 4.20
CA LEU A 554 -13.23 21.68 2.81
C LEU A 554 -11.75 22.02 2.84
N TYR A 555 -10.95 21.29 2.06
CA TYR A 555 -9.52 21.53 2.09
C TYR A 555 -8.88 21.73 0.72
N VAL A 556 -7.61 22.09 0.74
CA VAL A 556 -6.85 22.24 -0.51
C VAL A 556 -5.65 21.32 -0.28
N GLU A 557 -5.38 20.44 -1.23
CA GLU A 557 -4.23 19.56 -1.04
C GLU A 557 -3.01 20.12 -1.77
N ALA A 558 -1.96 20.41 -1.02
CA ALA A 558 -0.72 20.86 -1.66
C ALA A 558 -0.23 19.52 -2.21
N ASP A 559 -0.16 19.39 -3.53
CA ASP A 559 0.21 18.12 -4.15
C ASP A 559 1.47 18.12 -5.01
N GLY A 560 2.40 17.23 -4.67
CA GLY A 560 3.64 17.14 -5.44
C GLY A 560 3.47 16.86 -6.92
N VAL A 561 4.21 17.59 -7.75
CA VAL A 561 4.16 17.42 -9.19
C VAL A 561 5.17 16.35 -9.63
N THR A 562 4.66 15.26 -10.19
CA THR A 562 5.50 14.12 -10.61
C THR A 562 6.63 13.99 -9.58
N ASN A 563 6.22 13.90 -8.32
CA ASN A 563 7.11 13.81 -7.16
C ASN A 563 8.27 12.81 -7.17
N GLY A 564 7.97 11.52 -7.38
CA GLY A 564 9.01 10.51 -7.40
C GLY A 564 10.17 10.80 -8.35
N PRO A 565 9.90 10.95 -9.66
CA PRO A 565 10.93 11.23 -10.65
C PRO A 565 11.71 12.50 -10.34
N ILE A 566 11.01 13.57 -10.00
CA ILE A 566 11.64 14.85 -9.68
C ILE A 566 12.57 14.73 -8.47
N ASN A 567 12.14 13.99 -7.44
CA ASN A 567 12.99 13.82 -6.26
C ASN A 567 14.26 13.05 -6.62
N ALA A 568 14.09 11.98 -7.40
CA ALA A 568 15.24 11.18 -7.83
C ALA A 568 16.24 12.06 -8.59
N MET A 569 15.73 12.87 -9.52
CA MET A 569 16.55 13.77 -10.33
C MET A 569 17.33 14.77 -9.51
N MET A 570 16.68 15.30 -8.47
CA MET A 570 17.30 16.31 -7.63
C MET A 570 18.16 15.71 -6.51
N LEU A 571 17.89 14.46 -6.14
CA LEU A 571 18.63 13.81 -5.06
C LEU A 571 19.76 12.89 -5.48
N MET A 572 19.69 12.32 -6.67
CA MET A 572 20.72 11.37 -7.10
C MET A 572 21.56 11.72 -8.31
N THR A 573 21.28 12.86 -8.95
CA THR A 573 22.09 13.23 -10.11
C THR A 573 23.46 13.70 -9.63
N GLY A 574 24.52 13.07 -10.12
CA GLY A 574 25.85 13.44 -9.67
C GLY A 574 26.74 14.19 -10.65
N GLY A 575 26.38 14.16 -11.93
CA GLY A 575 27.20 14.83 -12.94
C GLY A 575 27.04 16.34 -13.03
N LEU A 576 27.59 16.91 -14.09
CA LEU A 576 27.53 18.35 -14.34
C LEU A 576 26.11 18.77 -14.65
N PHE A 577 25.85 20.08 -14.60
CA PHE A 577 24.53 20.59 -14.91
C PHE A 577 24.35 20.70 -16.42
N THR A 578 23.16 20.33 -16.87
CA THR A 578 22.83 20.38 -18.29
C THR A 578 21.60 21.27 -18.47
N PRO A 579 21.52 22.00 -19.59
CA PRO A 579 20.34 22.85 -19.79
C PRO A 579 19.06 22.02 -19.80
N ASP A 580 19.16 20.78 -20.30
CA ASP A 580 17.99 19.89 -20.35
C ASP A 580 17.52 19.53 -18.95
N TRP A 581 18.47 19.32 -18.04
CA TRP A 581 18.12 18.99 -16.67
C TRP A 581 17.44 20.20 -16.01
N ILE A 582 17.92 21.40 -16.34
CA ILE A 582 17.35 22.62 -15.78
C ILE A 582 15.92 22.79 -16.28
N ARG A 583 15.71 22.56 -17.57
CA ARG A 583 14.38 22.66 -18.16
C ARG A 583 13.43 21.60 -17.58
N ASN A 584 13.91 20.37 -17.45
CA ASN A 584 13.04 19.31 -16.95
C ASN A 584 12.77 19.37 -15.46
N ILE A 585 13.73 19.83 -14.68
CA ILE A 585 13.51 19.92 -13.23
C ILE A 585 12.50 21.04 -12.94
N ALA A 586 12.44 22.00 -13.85
CA ALA A 586 11.50 23.11 -13.72
C ALA A 586 10.08 22.58 -13.80
N LYS A 587 9.89 21.47 -14.52
CA LYS A 587 8.56 20.85 -14.66
C LYS A 587 8.10 20.28 -13.31
N GLY A 588 9.03 20.14 -12.38
CA GLY A 588 8.73 19.61 -11.06
C GLY A 588 8.67 20.73 -10.02
N GLY A 589 8.78 21.97 -10.49
CA GLY A 589 8.70 23.08 -9.57
C GLY A 589 9.97 23.70 -9.07
N LEU A 590 11.13 23.27 -9.57
CA LEU A 590 12.39 23.86 -9.14
C LEU A 590 12.71 24.95 -10.17
N PHE A 591 12.45 26.20 -9.80
CA PHE A 591 12.70 27.31 -10.69
C PHE A 591 13.99 28.03 -10.31
N ILE A 592 14.88 28.19 -11.28
CA ILE A 592 16.16 28.85 -11.04
C ILE A 592 16.15 30.21 -11.73
N GLY A 593 16.55 31.25 -10.98
CA GLY A 593 16.58 32.59 -11.54
C GLY A 593 15.22 33.21 -11.87
N SER A 594 14.18 32.80 -11.13
CA SER A 594 12.85 33.34 -11.34
C SER A 594 12.20 33.57 -9.99
N PRO A 595 12.62 34.64 -9.29
CA PRO A 595 12.07 34.96 -7.97
C PRO A 595 10.55 34.94 -7.92
N ASN A 596 10.02 34.22 -6.92
CA ASN A 596 8.59 34.11 -6.70
C ASN A 596 7.77 33.41 -7.76
N LYS A 597 8.42 32.75 -8.71
CA LYS A 597 7.70 32.05 -9.75
C LYS A 597 6.91 30.90 -9.12
N THR A 598 5.70 30.65 -9.62
CA THR A 598 4.84 29.59 -9.11
C THR A 598 4.60 28.53 -10.19
N MET A 599 4.15 27.34 -9.78
CA MET A 599 3.87 26.27 -10.73
C MET A 599 2.75 26.72 -11.65
N ASN A 600 1.80 27.48 -11.10
CA ASN A 600 0.67 27.99 -11.87
C ASN A 600 1.16 28.82 -13.06
N GLU A 601 2.17 29.64 -12.83
CA GLU A 601 2.70 30.50 -13.89
C GLU A 601 3.55 29.74 -14.89
N HIS A 602 4.40 28.86 -14.38
CA HIS A 602 5.27 28.08 -15.24
C HIS A 602 4.42 27.33 -16.24
N ARG A 603 3.39 26.69 -15.70
CA ARG A 603 2.46 25.88 -16.44
C ARG A 603 1.63 26.67 -17.47
N SER A 604 1.14 27.84 -17.10
CA SER A 604 0.33 28.60 -18.03
C SER A 604 1.11 29.61 -18.87
N THR A 605 2.41 29.74 -18.62
CA THR A 605 3.19 30.73 -19.37
C THR A 605 4.51 30.24 -19.95
N ALA A 606 5.17 29.30 -19.28
CA ALA A 606 6.47 28.83 -19.74
C ALA A 606 6.52 27.45 -20.38
N ASP A 607 5.91 26.46 -19.74
CA ASP A 607 5.97 25.10 -20.26
C ASP A 607 4.76 24.31 -19.78
N ASN A 608 3.83 24.00 -20.67
CA ASN A 608 2.64 23.27 -20.27
C ASN A 608 2.74 21.74 -20.34
N ASN A 609 3.97 21.22 -20.39
CA ASN A 609 4.18 19.76 -20.41
C ASN A 609 4.86 19.33 -19.12
N ASP A 610 4.26 18.43 -18.35
CA ASP A 610 4.94 17.97 -17.13
C ASP A 610 5.97 16.91 -17.51
N LEU A 611 6.63 16.34 -16.51
CA LEU A 611 7.66 15.34 -16.77
C LEU A 611 7.10 14.09 -17.45
N TYR A 612 5.87 13.71 -17.12
CA TYR A 612 5.24 12.54 -17.74
C TYR A 612 5.01 12.77 -19.23
N GLN A 613 4.56 13.97 -19.58
CA GLN A 613 4.32 14.33 -20.99
C GLN A 613 5.64 14.35 -21.77
N ALA A 614 6.68 14.89 -21.15
CA ALA A 614 7.99 14.94 -21.79
C ALA A 614 8.45 13.51 -22.08
N SER A 615 8.26 12.62 -21.10
CA SER A 615 8.63 11.21 -21.24
C SER A 615 7.88 10.61 -22.43
N THR A 616 6.60 10.95 -22.56
CA THR A 616 5.79 10.44 -23.65
C THR A 616 6.27 11.00 -24.99
N ASN A 617 6.68 12.26 -25.00
CA ASN A 617 7.17 12.85 -26.23
C ASN A 617 8.49 12.20 -26.65
N ALA A 618 9.36 11.90 -25.68
CA ALA A 618 10.63 11.26 -25.97
C ALA A 618 10.39 9.84 -26.45
N LEU A 619 9.34 9.21 -25.92
CA LEU A 619 8.99 7.86 -26.31
C LEU A 619 8.62 7.88 -27.79
N MET A 620 7.77 8.83 -28.17
CA MET A 620 7.35 8.93 -29.56
C MET A 620 8.52 9.24 -30.48
N GLU A 621 9.51 9.98 -29.97
CA GLU A 621 10.70 10.31 -30.75
C GLU A 621 11.44 9.01 -31.02
N SER A 622 11.61 8.20 -29.99
CA SER A 622 12.31 6.93 -30.13
C SER A 622 11.56 5.99 -31.06
N LEU A 623 10.23 6.02 -30.98
CA LEU A 623 9.41 5.16 -31.83
C LEU A 623 9.61 5.62 -33.26
N GLY A 624 9.79 6.92 -33.44
CA GLY A 624 10.02 7.48 -34.76
C GLY A 624 11.28 6.91 -35.39
N LYS A 625 12.34 6.81 -34.60
CA LYS A 625 13.61 6.27 -35.09
C LYS A 625 13.40 4.82 -35.51
N LEU A 626 12.69 4.07 -34.68
CA LEU A 626 12.40 2.67 -34.94
C LEU A 626 11.67 2.49 -36.28
N ARG A 627 10.69 3.34 -36.53
CA ARG A 627 9.93 3.28 -37.77
C ARG A 627 10.89 3.42 -38.96
N SER A 628 11.88 4.30 -38.81
CA SER A 628 12.86 4.55 -39.86
C SER A 628 13.67 3.30 -40.18
N ASN A 629 14.20 2.66 -39.15
CA ASN A 629 14.99 1.45 -39.33
C ASN A 629 14.22 0.34 -40.02
N TYR A 630 12.90 0.51 -40.13
CA TYR A 630 12.09 -0.50 -40.80
C TYR A 630 11.15 0.17 -41.80
N ALA A 631 11.54 1.36 -42.24
CA ALA A 631 10.74 2.15 -43.17
C ALA A 631 10.17 1.36 -44.34
N SER A 632 11.01 0.55 -44.97
CA SER A 632 10.59 -0.24 -46.13
C SER A 632 9.69 -1.42 -45.75
N ASN A 633 9.71 -1.80 -44.49
CA ASN A 633 8.91 -2.93 -44.01
C ASN A 633 7.48 -2.49 -43.70
N MET A 634 6.62 -2.49 -44.72
CA MET A 634 5.24 -2.07 -44.54
C MET A 634 4.47 -2.85 -43.47
N PRO A 635 4.64 -4.18 -43.42
CA PRO A 635 3.89 -4.89 -42.38
C PRO A 635 4.23 -4.43 -40.96
N ILE A 636 5.49 -4.02 -40.74
CA ILE A 636 5.87 -3.56 -39.42
C ILE A 636 5.24 -2.20 -39.11
N GLN A 637 5.20 -1.31 -40.11
CA GLN A 637 4.58 0.00 -39.92
C GLN A 637 3.12 -0.20 -39.52
N SER A 638 2.48 -1.19 -40.11
CA SER A 638 1.08 -1.47 -39.79
C SER A 638 0.92 -2.00 -38.36
N GLN A 639 1.83 -2.88 -37.95
CA GLN A 639 1.77 -3.44 -36.60
C GLN A 639 1.80 -2.26 -35.63
N ILE A 640 2.76 -1.36 -35.83
CA ILE A 640 2.94 -0.20 -34.98
C ILE A 640 1.71 0.70 -35.01
N ASP A 641 1.18 0.97 -36.20
CA ASP A 641 0.00 1.82 -36.30
C ASP A 641 -1.14 1.19 -35.51
N SER A 642 -1.30 -0.12 -35.63
CA SER A 642 -2.36 -0.85 -34.95
C SER A 642 -2.26 -0.77 -33.43
N LEU A 643 -1.05 -0.91 -32.90
CA LEU A 643 -0.88 -0.84 -31.45
C LEU A 643 -1.22 0.57 -30.96
N LEU A 644 -0.70 1.59 -31.63
CA LEU A 644 -0.95 2.97 -31.24
C LEU A 644 -2.41 3.39 -31.39
N SER A 645 -3.06 2.95 -32.46
CA SER A 645 -4.45 3.35 -32.62
C SER A 645 -5.30 2.69 -31.54
N LEU A 646 -4.97 1.45 -31.18
CA LEU A 646 -5.72 0.75 -30.14
C LEU A 646 -5.57 1.50 -28.81
N MET A 647 -4.34 1.83 -28.45
CA MET A 647 -4.09 2.56 -27.21
C MET A 647 -4.74 3.94 -27.25
N ASP A 648 -4.73 4.57 -28.43
CA ASP A 648 -5.34 5.88 -28.58
C ASP A 648 -6.85 5.78 -28.46
N LEU A 649 -7.39 4.57 -28.68
CA LEU A 649 -8.82 4.35 -28.57
C LEU A 649 -9.27 4.11 -27.11
N PHE A 650 -8.48 3.36 -26.35
CA PHE A 650 -8.87 3.03 -24.98
C PHE A 650 -8.02 3.56 -23.82
N LEU A 651 -6.75 3.87 -24.09
CA LEU A 651 -5.85 4.39 -23.06
C LEU A 651 -5.06 5.58 -23.64
N PRO A 652 -5.77 6.63 -24.09
CA PRO A 652 -5.08 7.79 -24.66
C PRO A 652 -4.08 8.42 -23.69
N ASP A 653 -4.36 8.33 -22.40
CA ASP A 653 -3.47 8.86 -21.38
C ASP A 653 -2.94 7.67 -20.56
N ILE A 654 -1.67 7.31 -20.80
CA ILE A 654 -1.05 6.17 -20.13
C ILE A 654 -0.62 6.43 -18.68
N ASN A 655 -0.57 7.69 -18.29
CA ASN A 655 -0.17 8.05 -16.94
C ASN A 655 -1.08 7.43 -15.88
N LEU A 656 -0.83 6.17 -15.58
CA LEU A 656 -1.61 5.43 -14.59
C LEU A 656 -1.25 5.89 -13.17
N GLY A 657 -2.24 5.84 -12.30
CA GLY A 657 -2.05 6.23 -10.91
C GLY A 657 -3.21 5.65 -10.12
N GLU A 658 -3.39 6.14 -8.90
CA GLU A 658 -4.48 5.69 -8.04
C GLU A 658 -5.64 6.65 -8.29
N ASN A 659 -6.05 6.70 -9.55
CA ASN A 659 -7.13 7.57 -9.99
C ASN A 659 -8.52 7.02 -9.78
N GLY A 660 -8.65 5.70 -9.71
CA GLY A 660 -9.95 5.10 -9.50
C GLY A 660 -10.66 5.67 -8.29
N ALA A 661 -11.94 6.00 -8.45
CA ALA A 661 -12.78 6.54 -7.39
C ALA A 661 -13.01 5.45 -6.32
N LEU A 662 -12.95 4.19 -6.75
CA LEU A 662 -13.20 3.06 -5.86
C LEU A 662 -11.94 2.41 -5.28
N GLU A 663 -10.77 2.94 -5.63
CA GLU A 663 -9.51 2.38 -5.15
C GLU A 663 -9.00 2.99 -3.85
N LEU A 664 -8.25 2.22 -3.08
CA LEU A 664 -7.66 2.73 -1.84
C LEU A 664 -6.46 3.55 -2.28
N LYS A 665 -5.99 4.44 -1.40
CA LYS A 665 -4.82 5.26 -1.68
C LYS A 665 -3.67 4.59 -0.95
N ARG A 666 -2.71 4.08 -1.70
CA ARG A 666 -1.58 3.35 -1.12
C ARG A 666 -0.20 4.00 -1.27
N GLY A 667 -0.08 4.98 -2.16
CA GLY A 667 1.21 5.61 -2.36
C GLY A 667 2.11 4.74 -3.24
N ILE A 668 1.48 3.95 -4.09
CA ILE A 668 2.21 3.07 -5.00
C ILE A 668 2.37 3.83 -6.31
N ALA A 669 3.61 4.04 -6.72
CA ALA A 669 3.90 4.74 -7.97
C ALA A 669 3.54 3.82 -9.14
N LYS A 670 2.67 4.28 -10.03
CA LYS A 670 2.25 3.46 -11.16
C LYS A 670 2.51 4.03 -12.56
N ASN A 671 2.92 5.29 -12.62
CA ASN A 671 3.22 5.92 -13.90
C ASN A 671 4.39 5.16 -14.56
N PRO A 672 4.27 4.86 -15.86
CA PRO A 672 5.35 4.14 -16.56
C PRO A 672 6.73 4.77 -16.50
N LEU A 673 6.79 6.10 -16.44
CA LEU A 673 8.08 6.77 -16.34
C LEU A 673 8.71 6.38 -15.00
N THR A 674 7.93 6.52 -13.95
CA THR A 674 8.41 6.22 -12.61
C THR A 674 8.75 4.74 -12.37
N ILE A 675 7.88 3.83 -12.82
CA ILE A 675 8.17 2.44 -12.57
C ILE A 675 9.40 2.00 -13.35
N THR A 676 9.69 2.69 -14.46
CA THR A 676 10.86 2.36 -15.26
C THR A 676 12.11 2.80 -14.47
N ILE A 677 12.09 4.02 -13.97
CA ILE A 677 13.23 4.53 -13.19
C ILE A 677 13.49 3.68 -11.95
N TYR A 678 12.41 3.21 -11.32
CA TYR A 678 12.53 2.39 -10.11
C TYR A 678 12.99 0.96 -10.38
N GLY A 679 13.20 0.62 -11.65
CA GLY A 679 13.68 -0.70 -11.97
C GLY A 679 12.73 -1.79 -12.41
N SER A 680 11.45 -1.51 -12.61
CA SER A 680 10.53 -2.56 -13.06
C SER A 680 11.01 -3.08 -14.40
N GLY A 681 10.85 -4.39 -14.63
CA GLY A 681 11.29 -4.99 -15.88
C GLY A 681 10.45 -4.57 -17.06
N ALA A 682 11.05 -4.58 -18.26
CA ALA A 682 10.37 -4.20 -19.49
C ALA A 682 9.12 -5.03 -19.73
N ARG A 683 9.28 -6.35 -19.69
CA ARG A 683 8.17 -7.26 -19.92
C ARG A 683 7.05 -7.06 -18.89
N GLY A 684 7.43 -6.76 -17.65
CA GLY A 684 6.44 -6.53 -16.60
C GLY A 684 5.63 -5.27 -16.86
N ILE A 685 6.32 -4.23 -17.33
CA ILE A 685 5.66 -2.97 -17.64
C ILE A 685 4.72 -3.20 -18.82
N ALA A 686 5.19 -3.95 -19.80
CA ALA A 686 4.36 -4.25 -20.98
C ALA A 686 3.09 -4.95 -20.53
N GLY A 687 3.22 -5.86 -19.58
CA GLY A 687 2.05 -6.58 -19.10
C GLY A 687 1.08 -5.67 -18.37
N LYS A 688 1.62 -4.70 -17.64
CA LYS A 688 0.78 -3.77 -16.91
C LYS A 688 -0.01 -2.86 -17.85
N LEU A 689 0.67 -2.32 -18.85
CA LEU A 689 0.03 -1.45 -19.83
C LEU A 689 -1.07 -2.19 -20.58
N VAL A 690 -0.81 -3.45 -20.95
CA VAL A 690 -1.83 -4.23 -21.67
C VAL A 690 -3.02 -4.41 -20.73
N SER A 691 -2.74 -4.64 -19.45
CA SER A 691 -3.80 -4.82 -18.45
C SER A 691 -4.65 -3.56 -18.36
N SER A 692 -3.99 -2.41 -18.43
CA SER A 692 -4.70 -1.13 -18.38
C SER A 692 -5.57 -1.00 -19.64
N VAL A 693 -5.02 -1.36 -20.79
CA VAL A 693 -5.78 -1.30 -22.04
C VAL A 693 -6.97 -2.26 -22.02
N THR A 694 -6.74 -3.52 -21.63
CA THR A 694 -7.84 -4.49 -21.63
C THR A 694 -8.92 -4.12 -20.60
N ASP A 695 -8.53 -3.57 -19.46
CA ASP A 695 -9.53 -3.17 -18.47
C ASP A 695 -10.46 -2.11 -19.09
N ALA A 696 -9.87 -1.17 -19.84
CA ALA A 696 -10.66 -0.12 -20.46
C ALA A 696 -11.60 -0.72 -21.52
N ILE A 697 -11.10 -1.70 -22.26
CA ILE A 697 -11.92 -2.35 -23.27
C ILE A 697 -13.12 -3.03 -22.61
N TYR A 698 -12.89 -3.76 -21.53
CA TYR A 698 -13.98 -4.45 -20.83
C TYR A 698 -15.01 -3.46 -20.31
N GLU A 699 -14.55 -2.31 -19.83
CA GLU A 699 -15.45 -1.28 -19.31
C GLU A 699 -16.33 -0.77 -20.46
N ARG A 700 -15.74 -0.62 -21.65
CA ARG A 700 -16.50 -0.17 -22.80
C ARG A 700 -17.54 -1.20 -23.15
N MET A 701 -17.16 -2.48 -23.07
CA MET A 701 -18.09 -3.56 -23.38
C MET A 701 -19.30 -3.41 -22.47
N SER A 702 -19.06 -3.11 -21.19
CA SER A 702 -20.18 -2.92 -20.28
C SER A 702 -20.99 -1.73 -20.77
N ASP A 703 -20.31 -0.72 -21.31
CA ASP A 703 -21.02 0.45 -21.83
C ASP A 703 -21.97 0.05 -22.95
N VAL A 704 -21.55 -0.87 -23.80
CA VAL A 704 -22.39 -1.33 -24.90
C VAL A 704 -23.65 -1.96 -24.32
N LEU A 705 -23.48 -2.86 -23.37
CA LEU A 705 -24.60 -3.54 -22.73
C LEU A 705 -25.60 -2.56 -22.11
N LYS A 706 -25.09 -1.62 -21.32
CA LYS A 706 -25.97 -0.64 -20.69
C LYS A 706 -26.67 0.24 -21.72
N ALA A 707 -25.98 0.58 -22.80
CA ALA A 707 -26.55 1.42 -23.84
C ALA A 707 -27.67 0.68 -24.58
N ARG A 708 -27.40 -0.54 -25.01
CA ARG A 708 -28.42 -1.33 -25.70
C ARG A 708 -29.70 -1.41 -24.87
N ALA A 709 -29.54 -1.61 -23.57
CA ALA A 709 -30.68 -1.74 -22.67
C ALA A 709 -31.50 -0.45 -22.52
N LYS A 710 -30.83 0.69 -22.37
CA LYS A 710 -31.54 1.97 -22.22
C LYS A 710 -32.18 2.45 -23.52
N ASP A 711 -31.48 2.26 -24.63
CA ASP A 711 -31.97 2.67 -25.93
C ASP A 711 -31.63 1.60 -26.96
N PRO A 712 -32.49 0.59 -27.11
CA PRO A 712 -32.22 -0.47 -28.09
C PRO A 712 -31.99 0.05 -29.51
N ASN A 713 -32.21 1.35 -29.71
CA ASN A 713 -32.02 1.95 -31.03
C ASN A 713 -30.54 2.25 -31.30
N ILE A 714 -29.82 2.70 -30.28
CA ILE A 714 -28.39 3.01 -30.42
C ILE A 714 -27.65 1.87 -31.10
N SER A 715 -26.82 2.23 -32.09
CA SER A 715 -26.05 1.26 -32.85
C SER A 715 -24.91 0.70 -31.98
N ALA A 716 -24.44 -0.49 -32.34
CA ALA A 716 -23.35 -1.11 -31.61
C ALA A 716 -22.13 -0.20 -31.66
N ALA A 717 -21.77 0.23 -32.87
CA ALA A 717 -20.63 1.11 -33.07
C ALA A 717 -20.69 2.37 -32.20
N MET A 718 -21.82 3.06 -32.25
CA MET A 718 -22.01 4.29 -31.48
C MET A 718 -22.04 4.05 -29.98
N ALA A 719 -22.64 2.94 -29.56
CA ALA A 719 -22.73 2.58 -28.15
C ALA A 719 -21.34 2.31 -27.58
N MET A 720 -20.39 1.97 -28.44
CA MET A 720 -19.04 1.66 -28.00
C MET A 720 -18.06 2.82 -28.15
N PHE A 721 -18.26 3.62 -29.19
CA PHE A 721 -17.36 4.74 -29.44
C PHE A 721 -18.01 6.12 -29.53
N GLY A 722 -19.17 6.28 -28.90
CA GLY A 722 -19.87 7.55 -28.95
C GLY A 722 -19.11 8.75 -28.41
N LYS A 723 -18.09 8.51 -27.60
CA LYS A 723 -17.31 9.61 -27.02
C LYS A 723 -16.31 10.22 -27.98
N GLN A 724 -15.97 9.47 -29.03
CA GLN A 724 -15.05 9.97 -30.04
C GLN A 724 -15.71 9.97 -31.41
N ALA A 725 -17.04 9.93 -31.43
CA ALA A 725 -17.77 9.92 -32.69
C ALA A 725 -19.16 10.56 -32.63
N ALA A 726 -19.36 11.55 -33.49
CA ALA A 726 -20.65 12.24 -33.57
C ALA A 726 -21.47 11.67 -34.74
N SER A 727 -20.77 11.10 -35.72
CA SER A 727 -21.45 10.51 -36.87
C SER A 727 -21.36 8.99 -36.88
N GLU A 728 -22.39 8.35 -37.44
CA GLU A 728 -22.43 6.90 -37.52
C GLU A 728 -21.28 6.40 -38.40
N ALA A 729 -21.00 7.11 -39.48
CA ALA A 729 -19.92 6.71 -40.37
C ALA A 729 -18.61 6.62 -39.59
N HIS A 730 -18.32 7.61 -38.75
CA HIS A 730 -17.08 7.55 -37.99
C HIS A 730 -17.17 6.50 -36.87
N ALA A 731 -18.31 6.43 -36.20
CA ALA A 731 -18.48 5.45 -35.11
C ALA A 731 -18.17 4.06 -35.65
N GLU A 732 -18.68 3.76 -36.84
CA GLU A 732 -18.43 2.46 -37.46
C GLU A 732 -16.97 2.34 -37.85
N GLU A 733 -16.34 3.47 -38.15
CA GLU A 733 -14.93 3.44 -38.52
C GLU A 733 -14.13 2.95 -37.30
N LEU A 734 -14.46 3.48 -36.13
CA LEU A 734 -13.76 3.10 -34.90
C LEU A 734 -13.96 1.63 -34.56
N LEU A 735 -15.17 1.11 -34.73
CA LEU A 735 -15.43 -0.30 -34.44
C LEU A 735 -14.54 -1.17 -35.32
N ALA A 736 -14.58 -0.90 -36.63
CA ALA A 736 -13.78 -1.66 -37.58
C ALA A 736 -12.28 -1.56 -37.24
N ARG A 737 -11.84 -0.37 -36.85
CA ARG A 737 -10.43 -0.17 -36.48
C ARG A 737 -10.08 -1.01 -35.25
N PHE A 738 -10.99 -1.03 -34.28
CA PHE A 738 -10.80 -1.81 -33.06
C PHE A 738 -10.65 -3.29 -33.39
N LEU A 739 -11.57 -3.81 -34.20
CA LEU A 739 -11.53 -5.22 -34.60
C LEU A 739 -10.28 -5.55 -35.40
N LYS A 740 -9.91 -4.67 -36.33
CA LYS A 740 -8.72 -4.92 -37.14
C LYS A 740 -7.47 -4.86 -36.25
N ASP A 741 -7.45 -3.91 -35.32
CA ASP A 741 -6.30 -3.79 -34.42
C ASP A 741 -6.19 -5.08 -33.60
N MET A 742 -7.29 -5.49 -32.98
CA MET A 742 -7.27 -6.72 -32.17
C MET A 742 -6.83 -7.94 -32.95
N GLU A 743 -7.33 -8.11 -34.18
CA GLU A 743 -6.91 -9.28 -34.94
C GLU A 743 -5.44 -9.22 -35.27
N THR A 744 -5.00 -8.07 -35.74
CA THR A 744 -3.60 -7.87 -36.11
C THR A 744 -2.62 -8.04 -34.94
N LEU A 745 -3.01 -7.55 -33.76
CA LEU A 745 -2.13 -7.63 -32.59
C LEU A 745 -2.14 -9.00 -31.88
N THR A 746 -3.11 -9.85 -32.22
CA THR A 746 -3.17 -11.17 -31.60
C THR A 746 -2.78 -12.26 -32.59
N SER A 747 -2.62 -11.88 -33.86
CA SER A 747 -2.26 -12.85 -34.90
C SER A 747 -0.78 -12.78 -35.26
N THR A 748 -0.21 -11.60 -35.06
CA THR A 748 1.18 -11.36 -35.41
C THR A 748 1.91 -10.74 -34.24
N VAL A 749 3.15 -11.15 -34.01
CA VAL A 749 3.92 -10.62 -32.92
C VAL A 749 5.34 -10.33 -33.37
N PRO A 750 5.97 -9.29 -32.78
CA PRO A 750 7.34 -8.96 -33.16
C PRO A 750 8.32 -9.86 -32.40
N VAL A 751 9.29 -10.42 -33.11
CA VAL A 751 10.29 -11.26 -32.50
C VAL A 751 11.65 -10.69 -32.86
N LYS A 752 12.51 -10.56 -31.86
CA LYS A 752 13.84 -10.01 -32.09
C LYS A 752 14.83 -11.13 -32.34
N ARG A 753 15.33 -11.21 -33.57
CA ARG A 753 16.29 -12.25 -33.93
C ARG A 753 17.49 -11.64 -34.63
N LYS A 754 18.65 -11.81 -34.02
CA LYS A 754 19.90 -11.28 -34.56
C LYS A 754 19.92 -9.76 -34.46
N GLY A 755 19.39 -9.25 -33.34
CA GLY A 755 19.35 -7.82 -33.10
C GLY A 755 18.29 -7.06 -33.87
N VAL A 756 17.66 -7.72 -34.85
CA VAL A 756 16.62 -7.10 -35.67
C VAL A 756 15.23 -7.67 -35.37
N LEU A 757 14.21 -6.87 -35.62
CA LEU A 757 12.83 -7.29 -35.38
C LEU A 757 12.21 -7.91 -36.63
N GLU A 758 11.40 -8.94 -36.44
CA GLU A 758 10.71 -9.60 -37.54
C GLU A 758 9.35 -10.05 -37.03
N LEU A 759 8.35 -10.08 -37.90
CA LEU A 759 7.02 -10.50 -37.50
C LEU A 759 6.81 -11.99 -37.70
N GLN A 760 6.14 -12.62 -36.73
CA GLN A 760 5.85 -14.05 -36.82
C GLN A 760 4.37 -14.29 -36.58
N SER A 761 3.87 -15.41 -37.08
CA SER A 761 2.47 -15.78 -36.93
C SER A 761 2.26 -16.54 -35.64
N THR A 762 1.14 -16.28 -34.98
CA THR A 762 0.83 -16.97 -33.74
C THR A 762 -0.17 -18.07 -34.06
N GLY A 763 -0.86 -17.92 -35.18
CA GLY A 763 -1.85 -18.90 -35.60
C GLY A 763 -3.02 -18.92 -34.65
N THR A 764 -3.06 -17.96 -33.74
CA THR A 764 -4.14 -17.88 -32.75
C THR A 764 -4.85 -16.53 -32.75
N GLY A 765 -4.67 -15.75 -33.81
CA GLY A 765 -5.31 -14.45 -33.89
C GLY A 765 -6.79 -14.49 -33.59
N ALA A 766 -7.30 -13.47 -32.91
CA ALA A 766 -8.71 -13.40 -32.58
C ALA A 766 -9.54 -13.11 -33.82
N LYS A 767 -10.76 -13.65 -33.84
CA LYS A 767 -11.69 -13.47 -34.95
C LYS A 767 -13.11 -13.85 -34.50
N GLY A 768 -14.11 -13.16 -35.03
CA GLY A 768 -15.48 -13.48 -34.67
C GLY A 768 -16.38 -12.34 -34.26
N LYS A 769 -17.65 -12.66 -34.03
CA LYS A 769 -18.65 -11.70 -33.60
C LYS A 769 -18.47 -11.45 -32.11
N ILE A 770 -18.19 -10.20 -31.75
CA ILE A 770 -17.98 -9.82 -30.36
C ILE A 770 -19.21 -9.74 -29.49
N ASN A 771 -19.23 -10.56 -28.44
CA ASN A 771 -20.31 -10.57 -27.46
C ASN A 771 -19.75 -9.74 -26.30
N PRO A 772 -20.23 -8.50 -26.15
CA PRO A 772 -19.77 -7.59 -25.10
C PRO A 772 -19.77 -8.19 -23.69
N LYS A 773 -20.79 -8.98 -23.39
CA LYS A 773 -20.94 -9.63 -22.09
C LYS A 773 -19.80 -10.60 -21.78
N THR A 774 -19.35 -11.30 -22.81
CA THR A 774 -18.32 -12.32 -22.70
C THR A 774 -16.90 -11.93 -23.15
N TYR A 775 -16.79 -11.00 -24.09
CA TYR A 775 -15.48 -10.61 -24.62
C TYR A 775 -14.35 -10.70 -23.60
N THR A 776 -13.31 -11.45 -23.96
CA THR A 776 -12.17 -11.68 -23.09
C THR A 776 -10.89 -11.91 -23.88
N ILE A 777 -9.80 -11.29 -23.44
CA ILE A 777 -8.51 -11.46 -24.09
C ILE A 777 -7.56 -12.12 -23.11
N LYS A 778 -7.31 -13.42 -23.30
CA LYS A 778 -6.39 -14.13 -22.42
C LYS A 778 -5.56 -15.12 -23.19
N GLY A 779 -4.82 -15.95 -22.46
CA GLY A 779 -3.99 -16.95 -23.08
C GLY A 779 -3.05 -16.40 -24.12
N GLU A 780 -2.95 -17.10 -25.24
CA GLU A 780 -2.06 -16.72 -26.32
C GLU A 780 -2.34 -15.33 -26.88
N GLN A 781 -3.61 -14.94 -26.96
CA GLN A 781 -3.95 -13.63 -27.49
C GLN A 781 -3.42 -12.52 -26.60
N LEU A 782 -3.52 -12.71 -25.29
CA LEU A 782 -3.03 -11.72 -24.33
C LEU A 782 -1.51 -11.61 -24.46
N LYS A 783 -0.82 -12.75 -24.51
CA LYS A 783 0.63 -12.75 -24.63
C LYS A 783 1.07 -12.07 -25.93
N ALA A 784 0.29 -12.24 -27.00
CA ALA A 784 0.61 -11.62 -28.27
C ALA A 784 0.54 -10.10 -28.12
N LEU A 785 -0.50 -9.62 -27.45
CA LEU A 785 -0.63 -8.19 -27.22
C LEU A 785 0.57 -7.71 -26.41
N GLN A 786 0.97 -8.49 -25.41
CA GLN A 786 2.10 -8.12 -24.56
C GLN A 786 3.41 -8.00 -25.34
N GLU A 787 3.62 -8.90 -26.28
CA GLU A 787 4.84 -8.85 -27.07
C GLU A 787 4.88 -7.60 -27.95
N ASN A 788 3.75 -7.30 -28.58
CA ASN A 788 3.68 -6.10 -29.40
C ASN A 788 3.90 -4.89 -28.49
N MET A 789 3.28 -4.90 -27.31
CA MET A 789 3.42 -3.78 -26.38
C MET A 789 4.86 -3.57 -25.94
N LEU A 790 5.55 -4.66 -25.70
CA LEU A 790 6.96 -4.60 -25.28
C LEU A 790 7.89 -4.00 -26.33
N HIS A 791 7.85 -4.54 -27.54
CA HIS A 791 8.74 -4.08 -28.60
C HIS A 791 8.41 -2.77 -29.30
N PHE A 792 7.13 -2.42 -29.37
CA PHE A 792 6.71 -1.19 -30.04
C PHE A 792 6.27 -0.04 -29.15
N PHE A 793 6.39 -0.19 -27.84
CA PHE A 793 6.00 0.89 -26.94
C PHE A 793 6.93 1.00 -25.74
N VAL A 794 7.00 -0.08 -24.97
CA VAL A 794 7.82 -0.13 -23.77
C VAL A 794 9.32 0.05 -24.02
N GLU A 795 9.89 -0.63 -25.01
CA GLU A 795 11.31 -0.47 -25.26
C GLU A 795 11.62 0.96 -25.70
N PRO A 796 10.80 1.53 -26.60
CA PRO A 796 11.14 2.91 -26.95
C PRO A 796 10.95 3.86 -25.76
N LEU A 797 10.02 3.54 -24.87
CA LEU A 797 9.75 4.36 -23.68
C LEU A 797 11.01 4.44 -22.83
N ARG A 798 11.64 3.29 -22.59
CA ARG A 798 12.88 3.23 -21.81
C ARG A 798 13.95 4.09 -22.47
N ASN A 799 14.05 4.01 -23.80
CA ASN A 799 15.04 4.78 -24.54
C ASN A 799 14.92 6.28 -24.34
N GLY A 800 13.69 6.77 -24.21
CA GLY A 800 13.47 8.19 -24.03
C GLY A 800 13.53 8.70 -22.60
N ILE A 801 13.36 7.79 -21.63
CA ILE A 801 13.38 8.19 -20.24
C ILE A 801 14.77 8.69 -19.89
N THR A 802 15.77 8.14 -20.56
CA THR A 802 17.15 8.53 -20.35
C THR A 802 17.35 10.01 -20.70
N GLN A 803 16.73 10.45 -21.79
CA GLN A 803 16.85 11.82 -22.23
C GLN A 803 15.90 12.73 -21.46
N THR A 804 14.99 12.13 -20.71
CA THR A 804 14.02 12.90 -19.95
C THR A 804 14.52 13.20 -18.53
N VAL A 805 15.05 12.19 -17.84
CA VAL A 805 15.54 12.39 -16.47
C VAL A 805 17.04 12.64 -16.43
N GLY A 806 17.72 12.34 -17.53
CA GLY A 806 19.15 12.54 -17.59
C GLY A 806 19.94 11.25 -17.46
N GLU A 807 20.97 11.13 -18.29
CA GLU A 807 21.84 9.97 -18.30
C GLU A 807 22.55 9.83 -16.95
N SER A 808 22.93 10.95 -16.34
CA SER A 808 23.61 10.91 -15.05
C SER A 808 22.75 10.26 -13.96
N LEU A 809 21.45 10.55 -13.94
CA LEU A 809 20.58 9.95 -12.93
C LEU A 809 20.50 8.44 -13.12
N VAL A 810 20.30 8.01 -14.36
CA VAL A 810 20.20 6.60 -14.68
C VAL A 810 21.43 5.84 -14.16
N TYR A 811 22.61 6.39 -14.40
CA TYR A 811 23.85 5.77 -13.95
C TYR A 811 23.80 5.65 -12.41
N SER A 812 23.40 6.72 -11.73
CA SER A 812 23.29 6.69 -10.27
C SER A 812 22.34 5.60 -9.79
N THR A 813 21.18 5.49 -10.41
CA THR A 813 20.24 4.47 -9.98
C THR A 813 20.84 3.09 -10.24
N GLU A 814 21.54 2.93 -11.36
CA GLU A 814 22.16 1.64 -11.67
C GLU A 814 23.17 1.23 -10.60
N GLN A 815 24.02 2.15 -10.18
CA GLN A 815 25.03 1.86 -9.15
C GLN A 815 24.39 1.57 -7.80
N LEU A 816 23.33 2.31 -7.49
CA LEU A 816 22.60 2.14 -6.24
C LEU A 816 21.97 0.76 -6.24
N GLN A 817 21.31 0.43 -7.33
CA GLN A 817 20.66 -0.87 -7.45
C GLN A 817 21.65 -2.01 -7.24
N LYS A 818 22.79 -1.95 -7.93
CA LYS A 818 23.81 -2.98 -7.84
C LYS A 818 24.41 -3.17 -6.45
N ALA A 819 24.74 -2.06 -5.80
CA ALA A 819 25.32 -2.11 -4.47
C ALA A 819 24.35 -2.68 -3.43
N THR A 820 23.11 -2.19 -3.43
CA THR A 820 22.12 -2.67 -2.46
C THR A 820 21.74 -4.12 -2.73
N GLN A 821 21.75 -4.52 -4.00
CA GLN A 821 21.44 -5.90 -4.33
C GLN A 821 22.60 -6.79 -3.85
N ILE A 822 23.83 -6.39 -4.15
CA ILE A 822 25.01 -7.15 -3.74
C ILE A 822 25.04 -7.32 -2.23
N GLN A 823 24.91 -6.22 -1.50
CA GLN A 823 24.95 -6.28 -0.04
C GLN A 823 23.83 -7.18 0.48
N SER A 824 22.64 -7.08 -0.10
CA SER A 824 21.50 -7.90 0.29
C SER A 824 21.77 -9.39 0.13
N VAL A 825 22.40 -9.76 -0.98
CA VAL A 825 22.70 -11.16 -1.27
C VAL A 825 23.58 -11.73 -0.17
N VAL A 826 24.57 -10.96 0.22
CA VAL A 826 25.51 -11.38 1.26
C VAL A 826 24.81 -11.54 2.61
N LEU A 827 23.99 -10.56 2.99
CA LEU A 827 23.27 -10.64 4.27
C LEU A 827 22.39 -11.88 4.28
N GLU A 828 21.65 -12.07 3.19
CA GLU A 828 20.76 -13.21 3.04
C GLU A 828 21.50 -14.53 3.14
N ASP A 829 22.61 -14.62 2.41
CA ASP A 829 23.42 -15.84 2.38
C ASP A 829 24.06 -16.16 3.74
N MET A 830 24.64 -15.16 4.37
CA MET A 830 25.26 -15.38 5.66
C MET A 830 24.22 -15.80 6.68
N PHE A 831 23.05 -15.16 6.62
CA PHE A 831 21.98 -15.50 7.56
C PHE A 831 21.59 -16.97 7.38
N LYS A 832 21.39 -17.39 6.13
CA LYS A 832 21.02 -18.78 5.87
C LYS A 832 22.07 -19.80 6.33
N GLN A 833 23.33 -19.53 6.03
CA GLN A 833 24.39 -20.45 6.42
C GLN A 833 24.49 -20.65 7.92
N ARG A 834 24.36 -19.56 8.67
CA ARG A 834 24.44 -19.66 10.11
C ARG A 834 23.19 -20.37 10.63
N VAL A 835 22.05 -20.14 10.00
CA VAL A 835 20.85 -20.83 10.43
C VAL A 835 21.10 -22.33 10.23
N GLN A 836 21.61 -22.71 9.06
CA GLN A 836 21.88 -24.10 8.75
C GLN A 836 22.92 -24.72 9.67
N GLU A 837 23.96 -23.95 9.98
CA GLU A 837 24.99 -24.43 10.88
C GLU A 837 24.33 -24.74 12.23
N LYS A 838 23.50 -23.81 12.69
CA LYS A 838 22.80 -23.97 13.96
C LYS A 838 21.90 -25.21 13.96
N LEU A 839 21.25 -25.47 12.82
CA LEU A 839 20.38 -26.63 12.71
C LEU A 839 21.19 -27.93 12.75
N ALA A 840 22.43 -27.88 12.28
CA ALA A 840 23.29 -29.06 12.29
C ALA A 840 23.63 -29.38 13.76
N GLU A 841 23.90 -28.35 14.54
CA GLU A 841 24.22 -28.53 15.95
C GLU A 841 23.05 -29.16 16.70
N LYS A 842 21.87 -28.55 16.57
CA LYS A 842 20.69 -29.05 17.25
C LYS A 842 20.31 -30.46 16.83
N ALA A 843 20.78 -30.90 15.67
CA ALA A 843 20.50 -32.25 15.20
C ALA A 843 21.31 -33.24 16.03
N LYS A 844 22.29 -32.72 16.76
CA LYS A 844 23.15 -33.54 17.60
C LYS A 844 22.48 -33.67 18.96
N ASP A 845 21.51 -32.78 19.22
CA ASP A 845 20.79 -32.76 20.48
C ASP A 845 19.61 -33.73 20.41
N PRO A 846 19.59 -34.74 21.30
CA PRO A 846 18.52 -35.74 21.32
C PRO A 846 17.14 -35.17 21.67
N THR A 847 17.11 -34.07 22.42
CA THR A 847 15.84 -33.44 22.81
C THR A 847 15.24 -32.68 21.63
N TRP A 848 16.05 -32.44 20.61
CA TRP A 848 15.60 -31.71 19.44
C TRP A 848 15.14 -32.66 18.35
N LYS A 849 14.19 -32.19 17.54
CA LYS A 849 13.66 -32.98 16.44
C LYS A 849 13.46 -32.04 15.24
N LYS A 850 13.81 -32.53 14.06
CA LYS A 850 13.66 -31.72 12.85
C LYS A 850 12.22 -31.23 12.76
N GLY A 851 12.06 -29.91 12.67
CA GLY A 851 10.73 -29.32 12.60
C GLY A 851 10.55 -28.34 13.73
N ASP A 852 11.38 -28.47 14.76
CA ASP A 852 11.33 -27.59 15.91
C ASP A 852 11.98 -26.26 15.53
N PHE A 853 12.92 -26.32 14.60
CA PHE A 853 13.64 -25.14 14.15
C PHE A 853 14.38 -24.50 15.34
N LEU A 854 14.79 -23.24 15.20
CA LEU A 854 15.52 -22.53 16.24
C LEU A 854 14.64 -21.85 17.28
N THR A 855 15.30 -21.31 18.31
CA THR A 855 14.64 -20.59 19.38
C THR A 855 14.76 -19.12 19.00
N GLN A 856 14.07 -18.24 19.71
CA GLN A 856 14.14 -16.82 19.39
C GLN A 856 15.53 -16.30 19.72
N LYS A 857 16.12 -16.82 20.80
CA LYS A 857 17.46 -16.41 21.22
C LYS A 857 18.49 -16.73 20.14
N GLU A 858 18.37 -17.90 19.53
CA GLU A 858 19.29 -18.32 18.48
C GLU A 858 19.12 -17.43 17.24
N LEU A 859 17.87 -17.10 16.92
CA LEU A 859 17.59 -16.23 15.78
C LEU A 859 18.14 -14.84 16.03
N ASN A 860 17.91 -14.32 17.23
CA ASN A 860 18.39 -12.98 17.55
C ASN A 860 19.92 -12.93 17.49
N ASP A 861 20.57 -14.01 17.94
CA ASP A 861 22.04 -14.06 17.90
C ASP A 861 22.50 -13.99 16.44
N ILE A 862 21.93 -14.84 15.59
CA ILE A 862 22.29 -14.85 14.18
C ILE A 862 22.06 -13.49 13.52
N GLN A 863 20.93 -12.85 13.84
CA GLN A 863 20.65 -11.54 13.26
C GLN A 863 21.74 -10.57 13.68
N ALA A 864 22.13 -10.64 14.95
CA ALA A 864 23.16 -9.75 15.49
C ALA A 864 24.54 -9.98 14.85
N SER A 865 24.81 -11.20 14.41
CA SER A 865 26.11 -11.51 13.80
C SER A 865 26.31 -10.79 12.46
N LEU A 866 25.22 -10.27 11.89
CA LEU A 866 25.28 -9.56 10.60
C LEU A 866 25.68 -8.10 10.75
N ASN A 867 25.87 -7.66 11.98
CA ASN A 867 26.21 -6.27 12.26
C ASN A 867 27.40 -5.66 11.51
N ASN A 868 28.49 -6.40 11.40
CA ASN A 868 29.68 -5.91 10.73
C ASN A 868 29.45 -5.71 9.22
N LEU A 869 28.34 -6.23 8.73
CA LEU A 869 28.00 -6.10 7.31
C LEU A 869 27.09 -4.88 7.06
N ALA A 870 26.91 -4.07 8.10
CA ALA A 870 26.09 -2.84 8.03
C ALA A 870 24.74 -3.02 7.36
N PRO A 871 23.91 -3.92 7.89
CA PRO A 871 22.59 -4.17 7.31
C PRO A 871 21.70 -2.94 7.19
N MET A 872 21.97 -1.95 8.02
CA MET A 872 21.17 -0.74 8.05
C MET A 872 21.81 0.58 7.70
N ILE A 873 21.06 1.39 6.97
CA ILE A 873 21.49 2.72 6.58
C ILE A 873 20.90 3.65 7.64
N GLU A 874 21.76 4.29 8.42
CA GLU A 874 21.31 5.21 9.46
C GLU A 874 21.82 6.59 9.12
N THR A 875 20.93 7.51 8.77
CA THR A 875 21.31 8.87 8.41
C THR A 875 21.27 9.80 9.62
N GLY A 876 20.81 9.29 10.75
CA GLY A 876 20.72 10.11 11.94
C GLY A 876 19.31 10.62 12.14
N SER A 877 18.60 10.86 11.04
CA SER A 877 17.22 11.32 11.12
C SER A 877 16.25 10.24 10.66
N GLN A 878 16.76 9.26 9.91
CA GLN A 878 15.96 8.14 9.42
C GLN A 878 16.83 6.90 9.40
N THR A 879 16.21 5.73 9.52
CA THR A 879 16.96 4.48 9.47
C THR A 879 16.29 3.54 8.48
N PHE A 880 17.06 3.02 7.54
CA PHE A 880 16.52 2.12 6.54
C PHE A 880 17.20 0.75 6.60
N TYR A 881 16.43 -0.31 6.41
CA TYR A 881 16.94 -1.68 6.42
C TYR A 881 16.33 -2.31 5.17
N ILE A 882 16.97 -2.06 4.05
CA ILE A 882 16.50 -2.53 2.75
C ILE A 882 16.25 -4.03 2.62
N ALA A 883 17.12 -4.86 3.19
CA ALA A 883 16.97 -6.30 3.09
C ALA A 883 15.92 -6.91 4.02
N GLY A 884 15.54 -6.17 5.05
CA GLY A 884 14.57 -6.66 6.03
C GLY A 884 13.30 -7.23 5.44
N SER A 885 12.93 -8.44 5.85
CA SER A 885 11.72 -9.05 5.33
C SER A 885 11.21 -10.19 6.20
N GLU A 886 10.13 -10.79 5.73
CA GLU A 886 9.48 -11.92 6.38
C GLU A 886 9.40 -12.99 5.30
N ASN A 887 10.35 -13.92 5.29
CA ASN A 887 10.31 -14.96 4.27
C ASN A 887 10.27 -16.39 4.79
N ALA A 888 9.78 -17.28 3.95
CA ALA A 888 9.66 -18.69 4.30
C ALA A 888 10.88 -19.50 3.80
N GLU A 889 11.69 -18.90 2.94
CA GLU A 889 12.86 -19.58 2.38
C GLU A 889 13.91 -19.98 3.41
N VAL A 890 13.94 -19.29 4.54
CA VAL A 890 14.93 -19.60 5.57
C VAL A 890 14.62 -20.95 6.22
N ALA A 891 13.45 -21.06 6.84
CA ALA A 891 13.06 -22.30 7.51
C ALA A 891 12.64 -23.35 6.49
N ASN A 892 12.11 -22.89 5.36
CA ASN A 892 11.67 -23.78 4.29
C ASN A 892 10.99 -25.05 4.81
N GLN A 893 9.96 -24.87 5.63
CA GLN A 893 9.24 -25.99 6.21
C GLN A 893 7.87 -25.51 6.67
N VAL A 894 7.00 -26.46 7.00
CA VAL A 894 5.67 -26.10 7.45
C VAL A 894 5.69 -25.79 8.94
N LEU A 895 4.96 -24.74 9.33
CA LEU A 895 4.88 -24.37 10.73
C LEU A 895 3.75 -25.17 11.37
N ALA A 896 2.62 -25.28 10.68
CA ALA A 896 1.50 -26.03 11.23
C ALA A 896 0.37 -26.16 10.22
N THR A 897 -0.58 -27.03 10.51
CA THR A 897 -1.73 -27.23 9.64
C THR A 897 -2.94 -27.42 10.54
N ASN A 898 -4.12 -27.52 9.94
CA ASN A 898 -5.32 -27.77 10.73
C ASN A 898 -5.38 -29.29 10.90
N LEU A 899 -6.39 -29.79 11.59
CA LEU A 899 -6.47 -31.21 11.82
C LEU A 899 -6.79 -32.07 10.60
N ASP A 900 -7.10 -31.43 9.47
CA ASP A 900 -7.40 -32.15 8.22
C ASP A 900 -6.19 -32.09 7.30
N ASP A 901 -5.03 -31.72 7.85
CA ASP A 901 -3.82 -31.61 7.06
C ASP A 901 -3.99 -30.59 5.93
N ARG A 902 -4.87 -29.61 6.16
CA ARG A 902 -5.10 -28.54 5.20
C ARG A 902 -4.62 -27.25 5.86
N MET A 903 -4.81 -26.12 5.19
CA MET A 903 -4.38 -24.83 5.71
C MET A 903 -2.96 -24.94 6.25
N ARG A 904 -2.06 -25.49 5.45
CA ARG A 904 -0.67 -25.65 5.84
C ARG A 904 0.02 -24.29 5.78
N VAL A 905 0.42 -23.79 6.94
CA VAL A 905 1.09 -22.49 7.04
C VAL A 905 2.60 -22.66 7.04
N PRO A 906 3.30 -22.00 6.11
CA PRO A 906 4.76 -22.15 6.07
C PRO A 906 5.39 -21.41 7.24
N MET A 907 6.52 -21.88 7.73
CA MET A 907 7.16 -21.17 8.80
C MET A 907 7.87 -19.99 8.14
N SER A 908 7.51 -18.79 8.56
CA SER A 908 8.11 -17.58 8.01
C SER A 908 8.85 -16.93 9.15
N ILE A 909 10.01 -16.35 8.85
CA ILE A 909 10.83 -15.72 9.88
C ILE A 909 11.31 -14.35 9.45
N TYR A 910 11.57 -13.48 10.43
CA TYR A 910 12.09 -12.15 10.14
C TYR A 910 13.54 -12.37 9.76
N ALA A 911 13.92 -11.95 8.56
CA ALA A 911 15.29 -12.14 8.12
C ALA A 911 15.60 -11.34 6.86
N PRO A 912 16.88 -11.17 6.56
CA PRO A 912 17.28 -10.41 5.36
C PRO A 912 17.06 -11.26 4.12
N ALA A 913 16.67 -10.60 3.02
CA ALA A 913 16.46 -11.30 1.76
C ALA A 913 16.94 -10.41 0.62
N GLN A 914 17.11 -11.02 -0.55
CA GLN A 914 17.57 -10.33 -1.74
C GLN A 914 16.70 -9.11 -2.06
N ALA A 915 17.34 -7.95 -2.22
CA ALA A 915 16.65 -6.67 -2.49
C ALA A 915 16.20 -6.46 -3.94
N GLY A 916 17.01 -6.97 -4.88
CA GLY A 916 16.68 -6.83 -6.29
C GLY A 916 16.88 -5.40 -6.75
N VAL A 917 15.78 -4.74 -7.15
CA VAL A 917 15.83 -3.35 -7.61
C VAL A 917 15.24 -2.41 -6.55
N ALA A 918 14.75 -3.00 -5.46
CA ALA A 918 14.11 -2.26 -4.36
C ALA A 918 14.88 -1.03 -3.89
N GLY A 919 16.21 -1.09 -3.92
CA GLY A 919 17.00 0.02 -3.47
C GLY A 919 16.68 1.39 -4.05
N ILE A 920 16.26 1.43 -5.32
CA ILE A 920 15.98 2.71 -5.97
C ILE A 920 14.76 3.43 -5.39
N PRO A 921 13.60 2.75 -5.34
CA PRO A 921 12.36 3.36 -4.80
C PRO A 921 12.55 3.60 -3.30
N PHE A 922 13.21 2.64 -2.66
CA PHE A 922 13.46 2.72 -1.23
C PHE A 922 14.09 4.05 -0.83
N MET A 923 15.20 4.40 -1.48
CA MET A 923 15.91 5.65 -1.16
C MET A 923 15.27 6.92 -1.69
N THR A 924 14.62 6.81 -2.84
CA THR A 924 13.97 7.98 -3.44
C THR A 924 12.79 8.42 -2.57
N ILE A 925 12.01 7.46 -2.12
CA ILE A 925 10.84 7.72 -1.30
C ILE A 925 11.27 8.16 0.10
N GLY A 926 12.17 7.39 0.71
CA GLY A 926 12.62 7.72 2.04
C GLY A 926 13.23 9.10 2.17
N THR A 927 14.19 9.43 1.31
CA THR A 927 14.83 10.74 1.43
C THR A 927 14.13 11.86 0.66
N GLY A 928 13.13 11.48 -0.12
CA GLY A 928 12.35 12.45 -0.87
C GLY A 928 11.06 12.82 -0.13
N ASP A 929 9.93 12.22 -0.49
CA ASP A 929 8.66 12.54 0.17
C ASP A 929 8.63 12.18 1.65
N GLY A 930 9.25 11.07 2.02
CA GLY A 930 9.25 10.70 3.42
C GLY A 930 9.90 11.76 4.30
N MET A 931 11.05 12.26 3.85
CA MET A 931 11.75 13.30 4.60
C MET A 931 10.96 14.61 4.55
N MET A 932 10.34 14.88 3.39
CA MET A 932 9.55 16.10 3.25
C MET A 932 8.46 16.13 4.32
N MET A 933 7.68 15.05 4.40
CA MET A 933 6.59 14.95 5.37
C MET A 933 7.08 14.98 6.81
N GLN A 934 8.16 14.25 7.09
CA GLN A 934 8.72 14.21 8.44
C GLN A 934 9.13 15.62 8.87
N THR A 935 9.68 16.37 7.92
CA THR A 935 10.12 17.74 8.19
C THR A 935 8.90 18.63 8.42
N LEU A 936 7.87 18.42 7.60
CA LEU A 936 6.66 19.21 7.72
C LEU A 936 6.08 19.04 9.12
N SER A 937 6.19 17.82 9.66
CA SER A 937 5.65 17.51 10.97
C SER A 937 6.46 18.06 12.14
N THR A 938 7.77 18.16 11.96
CA THR A 938 8.67 18.60 13.03
C THR A 938 9.29 20.01 12.95
N MET A 939 9.26 20.63 11.79
CA MET A 939 9.86 21.96 11.63
C MET A 939 9.26 23.04 12.55
N LYS A 940 10.00 24.13 12.72
CA LYS A 940 9.50 25.22 13.53
C LYS A 940 8.29 25.75 12.76
N GLY A 941 7.19 25.99 13.46
CA GLY A 941 5.99 26.50 12.82
C GLY A 941 5.31 25.47 11.93
N ALA A 942 5.45 24.19 12.30
CA ALA A 942 4.86 23.10 11.53
C ALA A 942 3.36 23.32 11.34
N PRO A 943 2.85 23.19 10.11
CA PRO A 943 1.41 23.39 9.88
C PRO A 943 0.60 22.45 10.76
N LYS A 944 -0.43 23.00 11.39
CA LYS A 944 -1.31 22.23 12.28
C LYS A 944 -2.57 21.80 11.57
N ASN A 945 -3.19 20.74 12.06
CA ASN A 945 -4.47 20.25 11.54
C ASN A 945 -4.52 19.91 10.05
N THR A 946 -3.53 19.15 9.59
CA THR A 946 -3.47 18.72 8.21
C THR A 946 -3.63 17.21 8.24
N LEU A 947 -3.67 16.62 7.05
CA LEU A 947 -3.72 15.18 6.86
C LEU A 947 -2.67 14.97 5.79
N LYS A 948 -1.61 14.23 6.11
CA LYS A 948 -0.54 14.00 5.14
C LYS A 948 -0.76 12.68 4.45
N ILE A 949 -0.71 12.70 3.13
CA ILE A 949 -0.94 11.49 2.35
C ILE A 949 0.24 11.19 1.42
N PHE A 950 1.41 10.98 2.04
CA PHE A 950 2.65 10.63 1.35
C PHE A 950 3.27 11.74 0.51
N ASP A 951 2.70 12.03 -0.66
CA ASP A 951 3.27 13.08 -1.50
C ASP A 951 2.31 14.24 -1.71
N GLY A 952 1.35 14.36 -0.79
CA GLY A 952 0.37 15.42 -0.83
C GLY A 952 -0.17 15.65 0.57
N MET A 953 -0.51 16.89 0.88
CA MET A 953 -1.02 17.21 2.22
C MET A 953 -2.29 18.06 2.15
N ASN A 954 -3.35 17.63 2.83
CA ASN A 954 -4.62 18.36 2.86
C ASN A 954 -4.50 19.48 3.89
N ILE A 955 -4.88 20.71 3.50
CA ILE A 955 -4.78 21.88 4.38
C ILE A 955 -6.10 22.63 4.59
N GLY A 956 -6.39 23.05 5.83
CA GLY A 956 -7.60 23.82 6.11
C GLY A 956 -7.54 25.12 5.32
N LEU A 957 -8.69 25.67 4.94
CA LEU A 957 -8.69 26.88 4.12
C LEU A 957 -8.10 28.17 4.70
N ASN A 958 -7.99 28.29 6.02
CA ASN A 958 -7.38 29.51 6.59
C ASN A 958 -5.85 29.46 6.54
N ASP A 959 -5.28 28.32 6.15
CA ASP A 959 -3.82 28.22 6.15
C ASP A 959 -3.18 27.71 4.86
N ILE A 960 -3.94 27.70 3.76
CA ILE A 960 -3.41 27.19 2.50
C ILE A 960 -2.14 27.85 1.97
N THR A 961 -1.98 29.16 2.22
CA THR A 961 -0.81 29.87 1.73
C THR A 961 0.45 29.55 2.54
N ASP A 962 0.39 29.72 3.85
CA ASP A 962 1.56 29.44 4.68
C ASP A 962 1.94 27.95 4.72
N ALA A 963 0.95 27.07 4.81
CA ALA A 963 1.23 25.62 4.86
C ALA A 963 1.87 25.13 3.56
N SER A 964 1.44 25.70 2.44
CA SER A 964 2.00 25.31 1.15
C SER A 964 3.44 25.82 1.06
N ARG A 965 3.70 27.03 1.55
CA ARG A 965 5.05 27.55 1.50
C ARG A 965 5.96 26.67 2.37
N LYS A 966 5.46 26.27 3.55
CA LYS A 966 6.26 25.43 4.44
C LYS A 966 6.51 24.06 3.77
N ALA A 967 5.50 23.56 3.07
CA ALA A 967 5.62 22.28 2.37
C ALA A 967 6.73 22.41 1.32
N ASN A 968 6.77 23.56 0.66
CA ASN A 968 7.81 23.75 -0.33
C ASN A 968 9.16 23.96 0.34
N GLU A 969 9.14 24.47 1.57
CA GLU A 969 10.38 24.66 2.31
C GLU A 969 10.88 23.29 2.75
N ALA A 970 9.94 22.39 3.04
CA ALA A 970 10.27 21.04 3.44
C ALA A 970 10.89 20.29 2.27
N VAL A 971 10.46 20.63 1.07
CA VAL A 971 11.01 19.98 -0.12
C VAL A 971 12.49 20.42 -0.24
N TYR A 972 12.72 21.71 -0.08
CA TYR A 972 14.06 22.25 -0.15
C TYR A 972 14.95 21.57 0.90
N THR A 973 14.45 21.37 2.12
CA THR A 973 15.33 20.72 3.07
C THR A 973 15.55 19.25 2.73
N SER A 974 14.58 18.57 2.11
CA SER A 974 14.84 17.18 1.75
C SER A 974 15.88 17.17 0.63
N TRP A 975 15.88 18.19 -0.22
CA TRP A 975 16.85 18.24 -1.32
C TRP A 975 18.28 18.54 -0.84
N GLN A 976 18.48 18.58 0.47
CA GLN A 976 19.81 18.80 1.03
C GLN A 976 20.38 17.40 1.31
N GLY A 977 19.53 16.39 1.15
CA GLY A 977 19.94 15.02 1.39
C GLY A 977 20.80 14.39 0.30
N ASN A 978 21.39 13.24 0.60
CA ASN A 978 22.26 12.55 -0.35
C ASN A 978 22.08 11.03 -0.12
N PRO A 979 21.00 10.45 -0.66
CA PRO A 979 20.77 9.02 -0.47
C PRO A 979 21.92 8.14 -0.96
N ILE A 980 22.59 8.55 -2.02
CA ILE A 980 23.72 7.77 -2.54
C ILE A 980 24.84 7.76 -1.49
N LYS A 981 25.08 8.89 -0.81
CA LYS A 981 26.13 8.91 0.21
C LYS A 981 25.74 8.02 1.39
N ASN A 982 24.44 7.93 1.70
CA ASN A 982 24.00 7.10 2.82
C ASN A 982 24.22 5.64 2.46
N VAL A 983 23.94 5.27 1.20
CA VAL A 983 24.15 3.90 0.78
C VAL A 983 25.66 3.62 0.82
N TYR A 984 26.43 4.58 0.35
CA TYR A 984 27.89 4.45 0.35
C TYR A 984 28.47 4.18 1.74
N GLU A 985 28.04 4.94 2.75
CA GLU A 985 28.54 4.76 4.11
C GLU A 985 28.33 3.32 4.59
N SER A 986 27.15 2.78 4.32
CA SER A 986 26.84 1.41 4.70
C SER A 986 27.59 0.39 3.84
N TYR A 987 27.61 0.61 2.53
CA TYR A 987 28.28 -0.30 1.60
C TYR A 987 29.80 -0.33 1.85
N ALA A 988 30.35 0.80 2.30
CA ALA A 988 31.79 0.89 2.56
C ALA A 988 32.14 0.04 3.76
N LYS A 989 31.32 0.11 4.81
CA LYS A 989 31.57 -0.69 6.00
C LYS A 989 31.38 -2.16 5.62
N PHE A 990 30.38 -2.41 4.78
CA PHE A 990 30.10 -3.75 4.32
C PHE A 990 31.33 -4.32 3.60
N MET A 991 31.87 -3.53 2.69
CA MET A 991 33.04 -3.94 1.90
C MET A 991 34.30 -4.14 2.75
N LYS A 992 34.40 -3.42 3.85
CA LYS A 992 35.56 -3.52 4.71
C LYS A 992 35.54 -4.78 5.58
N ASN A 993 34.38 -5.45 5.67
CA ASN A 993 34.29 -6.64 6.50
C ASN A 993 33.81 -7.90 5.79
N VAL A 994 33.23 -7.74 4.60
CA VAL A 994 32.73 -8.89 3.87
C VAL A 994 33.85 -9.84 3.46
N ASP A 995 33.50 -11.10 3.29
CA ASP A 995 34.43 -12.14 2.87
C ASP A 995 33.70 -12.98 1.81
N PHE A 996 33.94 -12.67 0.54
CA PHE A 996 33.27 -13.38 -0.55
C PHE A 996 33.55 -14.87 -0.62
N SER A 997 34.67 -15.31 -0.06
CA SER A 997 35.00 -16.73 -0.09
C SER A 997 34.23 -17.55 0.94
N LYS A 998 33.17 -16.95 1.49
CA LYS A 998 32.35 -17.64 2.48
C LYS A 998 30.94 -17.71 1.95
N LEU A 999 30.72 -17.07 0.82
CA LEU A 999 29.41 -17.06 0.18
C LEU A 999 29.20 -18.41 -0.49
N SER A 1000 27.93 -18.72 -0.77
CA SER A 1000 27.60 -19.96 -1.43
C SER A 1000 27.63 -19.69 -2.93
N PRO A 1001 27.92 -20.71 -3.75
CA PRO A 1001 27.97 -20.47 -5.20
C PRO A 1001 26.70 -19.85 -5.75
N GLU A 1002 25.55 -20.12 -5.13
CA GLU A 1002 24.31 -19.53 -5.61
C GLU A 1002 24.33 -18.02 -5.32
N ALA A 1003 24.93 -17.66 -4.20
CA ALA A 1003 25.04 -16.26 -3.80
C ALA A 1003 26.04 -15.58 -4.72
N LEU A 1004 27.20 -16.21 -4.92
CA LEU A 1004 28.24 -15.67 -5.77
C LEU A 1004 27.76 -15.47 -7.20
N GLU A 1005 26.81 -16.28 -7.63
CA GLU A 1005 26.28 -16.19 -8.98
C GLU A 1005 25.41 -14.93 -9.10
N ALA A 1006 24.51 -14.74 -8.13
CA ALA A 1006 23.65 -13.57 -8.13
C ALA A 1006 24.50 -12.31 -8.08
N ILE A 1007 25.47 -12.29 -7.19
CA ILE A 1007 26.34 -11.13 -7.07
C ILE A 1007 27.04 -10.78 -8.38
N GLY A 1008 27.58 -11.79 -9.06
CA GLY A 1008 28.26 -11.55 -10.33
C GLY A 1008 27.33 -10.94 -11.38
N LYS A 1009 26.04 -11.22 -11.24
CA LYS A 1009 25.05 -10.69 -12.17
C LYS A 1009 24.89 -9.18 -12.04
N SER A 1010 25.23 -8.63 -10.87
CA SER A 1010 25.12 -7.19 -10.66
C SER A 1010 26.47 -6.49 -10.76
N ALA A 1011 27.52 -7.17 -10.34
CA ALA A 1011 28.85 -6.59 -10.37
C ALA A 1011 29.62 -6.78 -11.69
N LEU A 1012 29.23 -7.77 -12.48
CA LEU A 1012 29.93 -8.04 -13.74
C LEU A 1012 29.07 -8.07 -14.99
N GLU A 1013 29.71 -7.93 -16.14
CA GLU A 1013 29.02 -7.98 -17.43
C GLU A 1013 28.81 -9.43 -17.85
N TYR A 1014 27.78 -9.67 -18.66
CA TYR A 1014 27.45 -11.01 -19.12
C TYR A 1014 28.64 -11.88 -19.47
N ASP A 1015 29.42 -11.42 -20.45
CA ASP A 1015 30.60 -12.14 -20.91
C ASP A 1015 31.69 -12.40 -19.85
N GLN A 1016 31.56 -11.79 -18.68
CA GLN A 1016 32.57 -11.98 -17.64
C GLN A 1016 32.06 -12.82 -16.48
N ARG A 1017 30.79 -13.19 -16.52
CA ARG A 1017 30.17 -13.98 -15.46
C ARG A 1017 30.50 -15.48 -15.49
N GLU A 1018 30.25 -16.11 -16.62
CA GLU A 1018 30.48 -17.55 -16.77
C GLU A 1018 31.77 -18.08 -16.15
N ASN A 1019 32.85 -17.31 -16.26
CA ASN A 1019 34.13 -17.75 -15.71
C ASN A 1019 34.70 -16.77 -14.68
N ALA A 1020 33.81 -16.07 -13.99
CA ALA A 1020 34.22 -15.09 -13.00
C ALA A 1020 34.62 -15.75 -11.69
N THR A 1021 35.87 -15.54 -11.27
CA THR A 1021 36.36 -16.10 -10.03
C THR A 1021 35.79 -15.28 -8.87
N VAL A 1022 36.05 -15.73 -7.65
CA VAL A 1022 35.56 -15.02 -6.47
C VAL A 1022 36.34 -13.72 -6.30
N ASP A 1023 37.59 -13.72 -6.74
CA ASP A 1023 38.42 -12.53 -6.62
C ASP A 1023 37.99 -11.46 -7.62
N ASP A 1024 37.44 -11.89 -8.77
CA ASP A 1024 37.00 -10.94 -9.78
C ASP A 1024 35.77 -10.23 -9.24
N ILE A 1025 34.85 -11.02 -8.69
CA ILE A 1025 33.62 -10.50 -8.11
C ILE A 1025 33.93 -9.47 -7.03
N ALA A 1026 34.91 -9.78 -6.18
CA ALA A 1026 35.31 -8.87 -5.11
C ALA A 1026 35.82 -7.54 -5.65
N ASN A 1027 36.61 -7.59 -6.71
CA ASN A 1027 37.15 -6.36 -7.30
C ASN A 1027 36.05 -5.51 -7.93
N ALA A 1028 35.04 -6.17 -8.49
CA ALA A 1028 33.94 -5.46 -9.10
C ALA A 1028 33.11 -4.79 -8.01
N ALA A 1029 32.92 -5.48 -6.89
CA ALA A 1029 32.16 -4.92 -5.78
C ALA A 1029 32.89 -3.69 -5.25
N SER A 1030 34.21 -3.76 -5.21
CA SER A 1030 35.03 -2.65 -4.75
C SER A 1030 34.93 -1.44 -5.67
N LEU A 1031 34.81 -1.69 -6.96
CA LEU A 1031 34.70 -0.61 -7.95
C LEU A 1031 33.36 0.11 -7.78
N ILE A 1032 32.31 -0.65 -7.49
CA ILE A 1032 30.98 -0.07 -7.29
C ILE A 1032 31.07 0.88 -6.10
N GLU A 1033 31.85 0.48 -5.10
CA GLU A 1033 32.03 1.28 -3.90
C GLU A 1033 32.61 2.63 -4.28
N ARG A 1034 33.61 2.60 -5.16
CA ARG A 1034 34.28 3.82 -5.61
C ARG A 1034 33.34 4.69 -6.44
N ASN A 1035 32.49 4.06 -7.25
CA ASN A 1035 31.52 4.80 -8.07
C ASN A 1035 30.56 5.55 -7.15
N LEU A 1036 30.05 4.83 -6.15
CA LEU A 1036 29.10 5.42 -5.19
C LEU A 1036 29.71 6.66 -4.57
N ARG A 1037 30.97 6.55 -4.15
CA ARG A 1037 31.65 7.67 -3.52
C ARG A 1037 31.75 8.91 -4.40
N ASN A 1038 32.10 8.71 -5.67
CA ASN A 1038 32.20 9.86 -6.56
C ASN A 1038 30.83 10.48 -6.81
N ILE A 1039 29.80 9.64 -6.96
CA ILE A 1039 28.47 10.16 -7.18
C ILE A 1039 28.07 10.99 -5.95
N ALA A 1040 28.29 10.43 -4.76
CA ALA A 1040 27.94 11.10 -3.52
C ALA A 1040 28.59 12.49 -3.43
N LEU A 1041 29.86 12.56 -3.80
CA LEU A 1041 30.60 13.82 -3.78
C LEU A 1041 29.94 14.79 -4.75
N GLY A 1042 29.60 14.27 -5.93
CA GLY A 1042 28.97 15.09 -6.96
C GLY A 1042 27.61 15.61 -6.52
N VAL A 1043 26.87 14.79 -5.78
CA VAL A 1043 25.56 15.20 -5.29
C VAL A 1043 25.71 16.33 -4.28
N ASP A 1044 26.68 16.19 -3.38
CA ASP A 1044 26.91 17.22 -2.36
C ASP A 1044 27.32 18.55 -3.02
N ILE A 1045 28.18 18.47 -4.04
CA ILE A 1045 28.64 19.68 -4.75
C ILE A 1045 27.47 20.40 -5.39
N ARG A 1046 26.61 19.65 -6.07
CA ARG A 1046 25.46 20.23 -6.74
C ARG A 1046 24.51 20.93 -5.76
N HIS A 1047 24.24 20.30 -4.62
CA HIS A 1047 23.35 20.92 -3.64
C HIS A 1047 23.95 22.21 -3.10
N LYS A 1048 25.23 22.16 -2.78
CA LYS A 1048 25.95 23.32 -2.26
C LYS A 1048 25.86 24.46 -3.28
N VAL A 1049 26.05 24.14 -4.56
CA VAL A 1049 25.97 25.15 -5.60
C VAL A 1049 24.55 25.70 -5.76
N LEU A 1050 23.58 24.80 -5.86
CA LEU A 1050 22.18 25.20 -6.00
C LEU A 1050 21.68 26.05 -4.82
N ASP A 1051 22.20 25.78 -3.63
CA ASP A 1051 21.78 26.56 -2.47
C ASP A 1051 22.28 28.00 -2.51
N LYS A 1052 23.34 28.26 -3.28
CA LYS A 1052 23.91 29.61 -3.40
C LYS A 1052 23.18 30.48 -4.40
N VAL A 1053 22.40 29.85 -5.26
CA VAL A 1053 21.65 30.57 -6.29
C VAL A 1053 20.23 30.90 -5.85
N ASN A 1054 19.61 31.87 -6.51
CA ASN A 1054 18.24 32.27 -6.16
C ASN A 1054 17.22 31.27 -6.71
N LEU A 1055 16.60 30.53 -5.81
CA LEU A 1055 15.63 29.51 -6.14
C LEU A 1055 14.21 29.81 -5.66
N SER A 1056 13.23 29.38 -6.44
CA SER A 1056 11.82 29.51 -6.12
C SER A 1056 11.30 28.10 -6.34
N ILE A 1057 10.81 27.47 -5.28
CA ILE A 1057 10.33 26.09 -5.36
C ILE A 1057 8.84 25.93 -5.11
N ASP A 1058 8.16 25.33 -6.08
CA ASP A 1058 6.73 25.08 -5.98
C ASP A 1058 6.42 23.64 -6.44
N GLN A 1059 7.04 22.68 -5.76
CA GLN A 1059 6.86 21.25 -6.03
C GLN A 1059 5.52 20.77 -5.42
N MET A 1060 5.17 21.30 -4.24
CA MET A 1060 3.93 20.93 -3.56
C MET A 1060 2.98 22.02 -3.98
N ALA A 1061 2.55 21.91 -5.24
CA ALA A 1061 1.71 22.89 -5.88
C ALA A 1061 0.21 22.81 -5.70
N ALA A 1062 -0.43 23.91 -6.11
CA ALA A 1062 -1.87 24.11 -6.08
C ALA A 1062 -2.17 25.56 -5.74
N VAL A 1063 -1.67 25.99 -4.60
CA VAL A 1063 -1.91 27.33 -4.09
C VAL A 1063 -1.10 28.47 -4.69
N GLY A 1064 0.16 28.19 -5.04
CA GLY A 1064 0.99 29.24 -5.60
C GLY A 1064 1.74 29.99 -4.51
N ALA A 1065 2.31 29.25 -3.55
CA ALA A 1065 3.08 29.83 -2.46
C ALA A 1065 4.46 29.18 -2.47
N PRO A 1066 5.30 29.52 -3.46
CA PRO A 1066 6.65 28.97 -3.59
C PRO A 1066 7.60 29.41 -2.49
N TYR A 1067 8.49 28.51 -2.10
CA TYR A 1067 9.49 28.82 -1.08
C TYR A 1067 10.66 29.49 -1.77
N GLN A 1068 11.17 30.56 -1.16
CA GLN A 1068 12.32 31.26 -1.72
C GLN A 1068 13.52 30.88 -0.87
N ASN A 1069 14.59 30.42 -1.51
CA ASN A 1069 15.78 30.05 -0.75
C ASN A 1069 16.64 31.28 -0.47
N ASN A 1070 16.41 32.35 -1.23
CA ASN A 1070 17.15 33.59 -1.09
C ASN A 1070 18.66 33.46 -1.34
N GLY A 1071 19.03 32.68 -2.36
CA GLY A 1071 20.43 32.53 -2.70
C GLY A 1071 20.90 33.86 -3.26
N LYS A 1072 22.12 34.28 -2.93
CA LYS A 1072 22.64 35.56 -3.38
C LYS A 1072 23.13 35.64 -4.83
N ILE A 1073 23.50 34.51 -5.42
CA ILE A 1073 23.96 34.53 -6.80
C ILE A 1073 22.74 34.59 -7.71
N ASP A 1074 22.48 35.76 -8.27
CA ASP A 1074 21.32 35.95 -9.14
C ASP A 1074 21.52 35.37 -10.53
N LEU A 1075 20.74 34.33 -10.86
CA LEU A 1075 20.85 33.71 -12.18
C LEU A 1075 19.70 34.08 -13.08
N SER A 1076 19.00 35.16 -12.75
CA SER A 1076 17.88 35.61 -13.57
C SER A 1076 18.40 36.17 -14.90
N ASN A 1077 17.48 36.36 -15.84
CA ASN A 1077 17.81 36.92 -17.15
C ASN A 1077 18.78 36.03 -17.93
N MET A 1078 18.85 34.76 -17.55
CA MET A 1078 19.74 33.83 -18.22
C MET A 1078 18.99 32.65 -18.82
N THR A 1079 19.54 32.12 -19.91
CA THR A 1079 18.94 30.98 -20.58
C THR A 1079 19.41 29.74 -19.83
N PRO A 1080 18.77 28.59 -20.07
CA PRO A 1080 19.18 27.36 -19.39
C PRO A 1080 20.64 27.07 -19.71
N GLU A 1081 21.04 27.32 -20.95
CA GLU A 1081 22.41 27.08 -21.40
C GLU A 1081 23.37 27.97 -20.60
N GLN A 1082 22.96 29.20 -20.36
CA GLN A 1082 23.78 30.14 -19.60
C GLN A 1082 23.85 29.78 -18.11
N GLN A 1083 22.72 29.39 -17.54
CA GLN A 1083 22.70 29.02 -16.13
C GLN A 1083 23.56 27.77 -15.94
N ALA A 1084 23.44 26.83 -16.87
CA ALA A 1084 24.21 25.59 -16.80
C ALA A 1084 25.69 25.92 -16.74
N ASP A 1085 26.10 26.88 -17.56
CA ASP A 1085 27.48 27.34 -17.62
C ASP A 1085 27.92 27.87 -16.26
N GLU A 1086 27.14 28.79 -15.71
CA GLU A 1086 27.45 29.38 -14.42
C GLU A 1086 27.47 28.33 -13.32
N LEU A 1087 26.41 27.53 -13.26
CA LEU A 1087 26.33 26.48 -12.24
C LEU A 1087 27.52 25.54 -12.34
N ASN A 1088 27.95 25.23 -13.57
CA ASN A 1088 29.09 24.33 -13.73
C ASN A 1088 30.39 25.00 -13.31
N LYS A 1089 30.48 26.32 -13.48
CA LYS A 1089 31.66 27.05 -13.08
C LYS A 1089 31.76 26.93 -11.55
N LEU A 1090 30.64 27.18 -10.89
CA LEU A 1090 30.57 27.09 -9.44
C LEU A 1090 30.88 25.65 -9.02
N PHE A 1091 30.42 24.70 -9.81
CA PHE A 1091 30.66 23.29 -9.55
C PHE A 1091 32.16 23.02 -9.51
N ARG A 1092 32.86 23.42 -10.57
CA ARG A 1092 34.30 23.21 -10.66
C ARG A 1092 35.03 23.90 -9.52
N GLU A 1093 34.62 25.13 -9.20
CA GLU A 1093 35.23 25.86 -8.10
C GLU A 1093 35.13 25.07 -6.80
N GLU A 1094 33.91 24.65 -6.47
CA GLU A 1094 33.68 23.88 -5.25
C GLU A 1094 34.50 22.60 -5.26
N LEU A 1095 34.50 21.90 -6.39
CA LEU A 1095 35.26 20.66 -6.51
C LEU A 1095 36.74 20.94 -6.21
N GLU A 1096 37.22 22.07 -6.72
CA GLU A 1096 38.61 22.47 -6.51
C GLU A 1096 38.84 22.70 -5.01
N ALA A 1097 37.96 23.48 -4.38
CA ALA A 1097 38.07 23.77 -2.96
C ALA A 1097 38.08 22.48 -2.14
N ARG A 1098 37.21 21.54 -2.48
CA ARG A 1098 37.13 20.28 -1.77
C ARG A 1098 38.37 19.45 -2.05
N LYS A 1099 38.94 19.65 -3.23
CA LYS A 1099 40.13 18.94 -3.65
C LYS A 1099 41.34 19.47 -2.89
N GLN A 1100 41.26 20.76 -2.55
CA GLN A 1100 42.32 21.45 -1.83
C GLN A 1100 42.26 21.06 -0.35
N LYS A 1101 41.09 21.22 0.24
CA LYS A 1101 40.85 20.92 1.64
C LYS A 1101 41.36 19.53 2.03
N VAL A 1102 41.33 18.59 1.09
CA VAL A 1102 41.78 17.22 1.35
C VAL A 1102 43.28 17.15 1.61
N ALA A 1103 44.08 17.51 0.61
CA ALA A 1103 45.54 17.48 0.74
C ALA A 1103 46.00 18.21 2.00
N LYS A 1104 45.42 19.39 2.24
CA LYS A 1104 45.75 20.19 3.41
C LYS A 1104 45.27 19.49 4.67
#